data_6Y4Z
#
_entry.id   6Y4Z
#
_cell.length_a   95.360
_cell.length_b   95.360
_cell.length_c   261.920
_cell.angle_alpha   90.000
_cell.angle_beta   90.000
_cell.angle_gamma   90.000
#
_symmetry.space_group_name_H-M   'P 43 21 2'
#
loop_
_entity.id
_entity.type
_entity.pdbx_description
1 polymer 'Thioredoxin 1,ADP-ribose glycohydrolase MACROD2'
2 non-polymer 'L(+)-TARTARIC ACID'
3 water water
#
_entity_poly.entity_id   1
_entity_poly.type   'polypeptide(L)'
_entity_poly.pdbx_seq_one_letter_code
;MHHHHHHSSGMSDKIIHLTDDSFDTDVLKADGAILVDFWAEWCGPCKMIAPILDEIADEYQGKLTVAKLNIDQNPGTAPK
YGIRGIPTLLLFKNGEVAATKVGALSKGQLKEFLDANLAGTENLYFQSMKKKVWREEKERLLKMTLEERRKEYLRDYIPL
NSILSWKEEMKGKGQNDEENTQETSQVKKSLTEKVSLYRGDITLLEVDAIVNAANASLLGGGGVDGCIHRAAGPCLLAEC
RNLNGCDTGHAKITCGYDLPAKYVIHTVGPIARGHINGSHKEDLANCYKSSLKLVKENNIRSVAFPCISTGIYGFPNEPA
AVIALNTIKEWLAKNHHEVDRIIFCVFLEVDFKIYKKKMNEFFSVD
;
_entity_poly.pdbx_strand_id   A,B,C,D
#
loop_
_chem_comp.id
_chem_comp.type
_chem_comp.name
_chem_comp.formula
TLA non-polymer 'L(+)-TARTARIC ACID' 'C4 H6 O6'
#
# COMPACT_ATOMS: atom_id res chain seq x y z
N MET A 129 22.41 12.31 -16.61
CA MET A 129 23.84 12.05 -17.00
C MET A 129 24.00 10.57 -17.39
N LYS A 130 25.06 10.25 -18.13
CA LYS A 130 25.39 8.88 -18.58
C LYS A 130 26.07 8.12 -17.43
N LYS A 131 25.88 6.80 -17.40
CA LYS A 131 26.31 5.94 -16.26
C LYS A 131 27.84 5.95 -16.12
N LYS A 132 28.60 6.17 -17.20
CA LYS A 132 30.09 6.11 -17.14
C LYS A 132 30.63 7.35 -16.40
N VAL A 133 29.88 8.46 -16.36
CA VAL A 133 30.22 9.71 -15.62
C VAL A 133 30.20 9.41 -14.11
N TRP A 134 29.14 8.77 -13.59
CA TRP A 134 29.10 8.48 -12.13
C TRP A 134 30.07 7.34 -11.81
N ARG A 135 30.22 6.38 -12.72
CA ARG A 135 31.08 5.18 -12.52
C ARG A 135 32.52 5.67 -12.44
N GLU A 136 32.91 6.62 -13.29
CA GLU A 136 34.33 7.08 -13.37
C GLU A 136 34.62 7.95 -12.16
N GLU A 137 33.68 8.83 -11.80
CA GLU A 137 33.81 9.68 -10.60
C GLU A 137 33.94 8.78 -9.36
N LYS A 138 33.07 7.77 -9.24
CA LYS A 138 33.13 6.81 -8.12
C LYS A 138 34.50 6.13 -8.09
N GLU A 139 35.01 5.60 -9.19
CA GLU A 139 36.34 4.92 -9.19
C GLU A 139 37.44 5.93 -8.78
N ARG A 140 37.40 7.14 -9.34
CA ARG A 140 38.35 8.25 -8.97
C ARG A 140 38.34 8.41 -7.46
N LEU A 141 37.18 8.58 -6.81
CA LEU A 141 37.11 8.89 -5.36
C LEU A 141 37.57 7.70 -4.50
N LEU A 142 37.17 6.49 -4.85
CA LEU A 142 37.31 5.33 -3.93
C LEU A 142 38.80 4.98 -3.78
N LYS A 143 39.63 5.28 -4.78
CA LYS A 143 41.09 4.98 -4.69
C LYS A 143 41.87 6.17 -4.11
N MET A 144 41.22 7.27 -3.68
CA MET A 144 41.93 8.42 -3.04
C MET A 144 42.12 8.17 -1.53
N THR A 145 43.13 8.79 -0.93
CA THR A 145 43.36 8.77 0.54
C THR A 145 42.55 9.88 1.19
N LEU A 146 42.41 9.83 2.52
CA LEU A 146 41.81 10.95 3.28
C LEU A 146 42.47 12.27 2.83
N GLU A 147 43.80 12.31 2.78
CA GLU A 147 44.52 13.60 2.57
C GLU A 147 44.21 14.11 1.15
N GLU A 148 44.25 13.23 0.16
CA GLU A 148 43.88 13.58 -1.24
C GLU A 148 42.41 14.07 -1.22
N ARG A 149 41.50 13.30 -0.60
CA ARG A 149 40.05 13.64 -0.53
CA ARG A 149 40.05 13.66 -0.58
C ARG A 149 39.86 15.03 0.09
N ARG A 150 40.57 15.27 1.20
CA ARG A 150 40.40 16.51 2.02
C ARG A 150 40.70 17.75 1.16
N LYS A 151 41.76 17.69 0.34
CA LYS A 151 42.19 18.80 -0.56
C LYS A 151 41.00 19.28 -1.42
N GLU A 152 40.06 18.39 -1.76
CA GLU A 152 38.94 18.68 -2.69
C GLU A 152 37.68 19.19 -1.99
N TYR A 153 37.56 19.06 -0.67
CA TYR A 153 36.29 19.42 0.03
C TYR A 153 36.02 20.92 -0.22
N LEU A 154 34.74 21.29 -0.37
CA LEU A 154 34.27 22.69 -0.54
C LEU A 154 33.65 23.16 0.78
N ARG A 155 33.55 22.28 1.78
CA ARG A 155 33.02 22.60 3.13
C ARG A 155 33.99 22.08 4.20
N ASP A 156 33.99 22.75 5.35
CA ASP A 156 34.58 22.20 6.60
C ASP A 156 33.87 20.88 6.85
N TYR A 157 34.58 19.97 7.49
CA TYR A 157 34.11 18.59 7.74
C TYR A 157 34.26 18.32 9.24
N ILE A 158 33.72 17.20 9.70
CA ILE A 158 33.87 16.72 11.10
C ILE A 158 34.61 15.39 11.02
N PRO A 159 35.91 15.32 11.37
CA PRO A 159 36.62 14.04 11.34
C PRO A 159 36.16 13.15 12.48
N LEU A 160 36.23 11.84 12.25
CA LEU A 160 35.82 10.82 13.25
C LEU A 160 36.57 11.06 14.56
N ASN A 161 37.86 11.47 14.52
CA ASN A 161 38.70 11.60 15.74
C ASN A 161 38.20 12.78 16.59
N SER A 162 37.33 13.63 16.07
CA SER A 162 36.79 14.78 16.84
C SER A 162 35.47 14.42 17.54
N ILE A 163 34.92 13.22 17.28
CA ILE A 163 33.64 12.79 17.94
C ILE A 163 34.04 11.90 19.11
N LEU A 164 33.65 12.26 20.32
CA LEU A 164 33.95 11.44 21.51
C LEU A 164 33.22 10.10 21.38
N SER A 165 33.87 9.02 21.79
CA SER A 165 33.22 7.74 22.11
C SER A 165 32.31 7.99 23.32
N TRP A 166 31.36 7.11 23.54
CA TRP A 166 30.50 7.17 24.74
C TRP A 166 31.37 6.87 25.96
N LYS A 167 32.38 6.02 25.82
CA LYS A 167 33.36 5.72 26.90
C LYS A 167 34.04 7.01 27.34
N GLU A 168 34.54 7.81 26.38
CA GLU A 168 35.19 9.11 26.68
C GLU A 168 34.14 10.03 27.33
N GLU A 169 32.90 10.04 26.83
CA GLU A 169 31.85 10.92 27.38
C GLU A 169 31.61 10.56 28.85
N MET A 170 31.65 9.27 29.18
CA MET A 170 31.34 8.73 30.54
C MET A 170 32.51 9.01 31.49
N LYS A 171 33.75 8.68 31.15
CA LYS A 171 34.87 8.93 32.09
C LYS A 171 35.06 10.46 32.20
N GLY A 172 34.50 11.22 31.26
CA GLY A 172 34.27 12.69 31.36
C GLY A 172 33.57 13.12 32.64
N LYS A 173 32.76 12.28 33.32
CA LYS A 173 32.11 12.61 34.63
C LYS A 173 33.18 12.61 35.73
N SER A 190 35.15 -2.97 26.42
CA SER A 190 33.74 -2.48 26.49
C SER A 190 33.32 -1.95 25.12
N LEU A 191 32.04 -2.12 24.78
CA LEU A 191 31.44 -1.62 23.51
C LEU A 191 31.26 -0.09 23.57
N THR A 192 31.39 0.55 24.73
CA THR A 192 31.22 2.02 24.89
C THR A 192 32.29 2.76 24.08
N GLU A 193 33.41 2.13 23.72
CA GLU A 193 34.44 2.74 22.84
C GLU A 193 34.00 2.73 21.37
N LYS A 194 32.99 1.91 21.03
CA LYS A 194 32.59 1.60 19.63
C LYS A 194 31.35 2.41 19.22
N VAL A 195 30.75 3.20 20.13
CA VAL A 195 29.50 3.95 19.87
C VAL A 195 29.67 5.42 20.25
N SER A 196 28.98 6.32 19.55
CA SER A 196 28.94 7.78 19.79
C SER A 196 27.52 8.27 19.56
N LEU A 197 27.19 9.40 20.16
CA LEU A 197 25.97 10.18 19.88
C LEU A 197 26.43 11.46 19.21
N TYR A 198 25.80 11.90 18.13
CA TYR A 198 26.20 13.13 17.42
C TYR A 198 24.94 13.93 17.11
N ARG A 199 24.97 15.23 17.43
CA ARG A 199 23.80 16.14 17.34
C ARG A 199 23.76 16.91 16.02
N GLY A 200 24.77 16.83 15.18
CA GLY A 200 24.84 17.73 14.01
C GLY A 200 24.17 17.21 12.75
N ASP A 201 24.62 17.83 11.66
CA ASP A 201 24.34 17.51 10.25
C ASP A 201 25.16 16.28 9.87
N ILE A 202 24.47 15.21 9.48
CA ILE A 202 25.13 13.93 9.11
C ILE A 202 26.03 14.16 7.90
N THR A 203 25.72 15.14 7.03
CA THR A 203 26.46 15.34 5.76
C THR A 203 27.89 15.85 5.99
N LEU A 204 28.20 16.36 7.19
CA LEU A 204 29.55 16.90 7.57
C LEU A 204 30.50 15.77 8.00
N LEU A 205 29.99 14.55 8.27
CA LEU A 205 30.75 13.49 8.96
C LEU A 205 31.71 12.84 7.98
N GLU A 206 33.00 12.87 8.30
CA GLU A 206 34.03 12.16 7.52
C GLU A 206 34.16 10.76 8.10
N VAL A 207 33.31 9.86 7.60
CA VAL A 207 33.20 8.46 8.07
C VAL A 207 33.17 7.57 6.83
N ASP A 208 33.27 6.27 7.02
CA ASP A 208 33.29 5.36 5.84
C ASP A 208 31.88 5.35 5.23
N ALA A 209 30.83 5.49 6.02
CA ALA A 209 29.45 5.47 5.50
C ALA A 209 28.50 6.32 6.35
N ILE A 210 27.67 7.12 5.70
CA ILE A 210 26.44 7.64 6.34
C ILE A 210 25.24 6.83 5.81
N VAL A 211 24.27 6.61 6.69
CA VAL A 211 22.99 5.93 6.35
C VAL A 211 21.94 7.00 6.03
N ASN A 212 21.38 6.87 4.84
CA ASN A 212 20.25 7.70 4.36
C ASN A 212 18.93 6.94 4.62
N ALA A 213 18.04 7.51 5.42
CA ALA A 213 16.64 7.06 5.58
C ALA A 213 15.92 7.47 4.31
N ALA A 214 16.06 6.65 3.28
CA ALA A 214 15.61 7.01 1.91
C ALA A 214 14.14 6.63 1.73
N ASN A 215 13.55 6.94 0.59
CA ASN A 215 12.24 6.36 0.20
C ASN A 215 12.47 5.29 -0.86
N ALA A 216 11.42 4.54 -1.15
CA ALA A 216 11.45 3.30 -1.97
C ALA A 216 12.06 3.59 -3.36
N SER A 217 11.90 4.80 -3.88
CA SER A 217 12.43 5.15 -5.23
C SER A 217 13.95 5.28 -5.23
N LEU A 218 14.55 5.62 -4.07
CA LEU A 218 16.00 5.99 -3.87
C LEU A 218 16.33 7.28 -4.63
N LEU A 219 15.35 8.06 -5.09
CA LEU A 219 15.63 9.22 -5.98
C LEU A 219 15.77 10.50 -5.17
N GLY A 220 15.64 10.42 -3.85
CA GLY A 220 15.76 11.56 -2.93
C GLY A 220 14.39 12.04 -2.55
N GLY A 221 14.28 13.30 -2.13
CA GLY A 221 13.03 13.87 -1.59
C GLY A 221 13.34 14.97 -0.60
N GLY A 222 12.61 15.02 0.52
CA GLY A 222 12.70 16.07 1.54
C GLY A 222 13.57 15.63 2.70
N GLY A 223 13.65 16.47 3.74
CA GLY A 223 14.41 16.22 4.97
C GLY A 223 15.87 15.91 4.71
N VAL A 224 16.44 15.02 5.50
CA VAL A 224 17.89 14.73 5.44
C VAL A 224 18.19 14.00 4.12
N ASP A 225 17.27 13.18 3.61
CA ASP A 225 17.44 12.54 2.27
C ASP A 225 17.79 13.65 1.28
N GLY A 226 17.01 14.75 1.25
CA GLY A 226 17.25 15.89 0.34
C GLY A 226 18.58 16.56 0.61
N CYS A 227 18.94 16.76 1.87
CA CYS A 227 20.23 17.35 2.30
C CYS A 227 21.38 16.44 1.86
N ILE A 228 21.20 15.12 1.89
CA ILE A 228 22.30 14.19 1.51
C ILE A 228 22.52 14.31 0.01
N HIS A 229 21.45 14.35 -0.75
CA HIS A 229 21.50 14.47 -2.23
C HIS A 229 22.16 15.81 -2.65
N ARG A 230 21.83 16.92 -2.00
CA ARG A 230 22.40 18.25 -2.34
C ARG A 230 23.89 18.26 -1.99
N ALA A 231 24.29 17.80 -0.80
CA ALA A 231 25.71 17.78 -0.39
C ALA A 231 26.52 16.80 -1.26
N ALA A 232 25.94 15.66 -1.68
CA ALA A 232 26.66 14.64 -2.48
C ALA A 232 26.79 15.11 -3.93
N GLY A 233 25.83 15.89 -4.43
CA GLY A 233 25.79 16.28 -5.85
C GLY A 233 25.07 15.25 -6.71
N PRO A 234 24.89 15.57 -8.01
CA PRO A 234 24.02 14.80 -8.87
C PRO A 234 24.56 13.43 -9.29
N CYS A 235 25.82 13.07 -9.01
CA CYS A 235 26.26 11.66 -9.22
C CYS A 235 25.49 10.72 -8.26
N LEU A 236 25.06 11.19 -7.10
CA LEU A 236 24.36 10.33 -6.11
C LEU A 236 23.02 9.90 -6.70
N LEU A 237 22.25 10.84 -7.25
CA LEU A 237 20.97 10.54 -7.94
C LEU A 237 21.21 9.56 -9.08
N ALA A 238 22.25 9.78 -9.90
CA ALA A 238 22.57 8.93 -11.08
C ALA A 238 22.89 7.50 -10.64
N GLU A 239 23.73 7.31 -9.62
CA GLU A 239 24.01 5.95 -9.12
C GLU A 239 22.73 5.34 -8.54
N CYS A 240 21.95 6.12 -7.79
CA CYS A 240 20.70 5.64 -7.16
C CYS A 240 19.71 5.17 -8.24
N ARG A 241 19.60 5.93 -9.33
N ARG A 241 19.58 5.93 -9.33
CA ARG A 241 18.74 5.56 -10.51
CA ARG A 241 18.74 5.55 -10.50
C ARG A 241 19.08 4.16 -10.99
C ARG A 241 19.07 4.15 -10.97
N ASN A 242 20.35 3.87 -11.18
CA ASN A 242 20.84 2.57 -11.66
C ASN A 242 20.44 1.45 -10.70
N LEU A 243 20.18 1.73 -9.41
CA LEU A 243 19.84 0.68 -8.40
C LEU A 243 18.39 0.19 -8.53
N ASN A 244 17.55 0.96 -9.22
CA ASN A 244 16.14 0.58 -9.42
C ASN A 244 15.44 0.36 -8.07
N GLY A 245 15.54 1.32 -7.17
CA GLY A 245 14.68 1.37 -5.98
C GLY A 245 15.17 0.45 -4.90
N CYS A 246 14.44 0.41 -3.79
CA CYS A 246 14.82 -0.40 -2.62
C CYS A 246 13.55 -0.74 -1.84
N ASP A 247 13.46 -1.97 -1.39
CA ASP A 247 12.29 -2.47 -0.65
C ASP A 247 12.39 -2.00 0.81
N THR A 248 11.25 -1.90 1.46
CA THR A 248 11.13 -1.67 2.91
C THR A 248 11.94 -2.70 3.67
N GLY A 249 12.80 -2.25 4.59
CA GLY A 249 13.60 -3.13 5.44
C GLY A 249 14.85 -3.62 4.73
N HIS A 250 15.11 -3.11 3.53
CA HIS A 250 16.31 -3.47 2.73
C HIS A 250 17.27 -2.26 2.68
N ALA A 251 18.49 -2.47 2.21
CA ALA A 251 19.49 -1.40 2.05
C ALA A 251 20.31 -1.62 0.78
N LYS A 252 20.78 -0.55 0.19
CA LYS A 252 21.73 -0.58 -0.94
C LYS A 252 22.81 0.46 -0.68
N ILE A 253 24.00 0.24 -1.22
CA ILE A 253 25.16 1.14 -0.98
C ILE A 253 25.54 1.84 -2.28
N THR A 254 25.88 3.12 -2.17
CA THR A 254 26.44 3.93 -3.27
C THR A 254 27.69 4.64 -2.77
N CYS A 255 28.46 5.18 -3.69
CA CYS A 255 29.52 6.17 -3.39
C CYS A 255 28.86 7.39 -2.69
N GLY A 256 29.61 8.11 -1.84
CA GLY A 256 29.22 9.40 -1.24
C GLY A 256 29.49 10.62 -2.11
N TYR A 257 30.25 10.49 -3.18
CA TYR A 257 30.60 11.60 -4.11
C TYR A 257 31.16 12.77 -3.29
N ASP A 258 30.55 13.95 -3.39
CA ASP A 258 31.07 15.21 -2.78
C ASP A 258 30.97 15.17 -1.26
N LEU A 259 30.24 14.24 -0.65
CA LEU A 259 30.23 14.10 0.81
C LEU A 259 31.63 13.71 1.27
N PRO A 260 32.07 14.16 2.45
CA PRO A 260 33.24 13.54 3.09
C PRO A 260 33.10 12.02 3.30
N ALA A 261 31.89 11.53 3.55
CA ALA A 261 31.63 10.08 3.70
C ALA A 261 32.01 9.34 2.41
N LYS A 262 32.69 8.20 2.54
CA LYS A 262 33.16 7.36 1.41
C LYS A 262 31.94 6.80 0.67
N TYR A 263 30.97 6.32 1.45
CA TYR A 263 29.72 5.70 0.93
C TYR A 263 28.48 6.27 1.61
N VAL A 264 27.36 6.09 0.93
CA VAL A 264 26.00 6.24 1.52
C VAL A 264 25.30 4.89 1.46
N ILE A 265 24.87 4.42 2.61
CA ILE A 265 23.98 3.24 2.66
C ILE A 265 22.54 3.79 2.71
N HIS A 266 21.73 3.46 1.71
CA HIS A 266 20.32 3.91 1.60
C HIS A 266 19.44 2.79 2.09
N THR A 267 18.56 3.05 3.04
CA THR A 267 17.65 2.05 3.60
C THR A 267 16.26 2.65 3.69
N VAL A 268 15.24 1.81 3.48
CA VAL A 268 13.83 2.28 3.40
C VAL A 268 13.09 1.78 4.64
N GLY A 269 12.76 2.72 5.50
CA GLY A 269 12.12 2.44 6.78
C GLY A 269 10.64 2.13 6.56
N PRO A 270 10.04 1.36 7.49
CA PRO A 270 8.59 1.14 7.46
C PRO A 270 7.86 2.46 7.67
N ILE A 271 6.68 2.52 7.06
CA ILE A 271 5.72 3.65 7.22
C ILE A 271 4.55 3.14 8.06
N ALA A 272 4.36 3.74 9.23
CA ALA A 272 3.26 3.45 10.17
C ALA A 272 2.27 4.61 10.10
N ARG A 273 1.19 4.47 9.34
CA ARG A 273 0.14 5.51 9.21
C ARG A 273 -0.82 5.39 10.38
N GLY A 274 -0.98 4.19 10.91
CA GLY A 274 -1.61 4.00 12.22
C GLY A 274 -0.59 3.61 13.26
N HIS A 275 -1.02 2.85 14.26
CA HIS A 275 -0.18 2.40 15.37
C HIS A 275 0.84 1.40 14.80
N ILE A 276 2.09 1.46 15.27
CA ILE A 276 3.11 0.46 14.85
C ILE A 276 2.60 -0.93 15.14
N ASN A 277 2.94 -1.86 14.26
CA ASN A 277 2.47 -3.26 14.36
C ASN A 277 3.70 -4.15 14.27
N GLY A 278 3.49 -5.45 14.36
CA GLY A 278 4.54 -6.45 14.28
C GLY A 278 5.39 -6.28 13.03
N SER A 279 4.75 -6.06 11.88
CA SER A 279 5.43 -5.95 10.57
C SER A 279 6.34 -4.70 10.57
N HIS A 280 5.86 -3.57 11.09
CA HIS A 280 6.67 -2.32 11.19
C HIS A 280 7.90 -2.55 12.07
N LYS A 281 7.71 -3.19 13.23
CA LYS A 281 8.81 -3.46 14.20
C LYS A 281 9.87 -4.33 13.52
N GLU A 282 9.42 -5.34 12.80
CA GLU A 282 10.35 -6.29 12.13
C GLU A 282 11.09 -5.55 11.01
N ASP A 283 10.39 -4.78 10.19
CA ASP A 283 11.02 -4.03 9.08
C ASP A 283 12.04 -3.01 9.62
N LEU A 284 11.75 -2.32 10.71
CA LEU A 284 12.71 -1.30 11.23
C LEU A 284 14.00 -2.00 11.65
N ALA A 285 13.89 -3.15 12.34
CA ALA A 285 15.07 -3.97 12.71
C ALA A 285 15.81 -4.35 11.42
N ASN A 286 15.05 -4.71 10.38
CA ASN A 286 15.64 -5.17 9.11
C ASN A 286 16.44 -4.02 8.47
N CYS A 287 15.96 -2.78 8.54
CA CYS A 287 16.73 -1.62 8.01
C CYS A 287 18.14 -1.59 8.64
N TYR A 288 18.20 -1.73 9.96
CA TYR A 288 19.48 -1.71 10.73
C TYR A 288 20.30 -2.94 10.32
N LYS A 289 19.69 -4.12 10.28
CA LYS A 289 20.46 -5.38 9.98
C LYS A 289 21.01 -5.34 8.58
N SER A 290 20.19 -4.96 7.60
CA SER A 290 20.59 -4.95 6.17
C SER A 290 21.64 -3.85 5.93
N SER A 291 21.51 -2.73 6.63
CA SER A 291 22.56 -1.67 6.59
C SER A 291 23.88 -2.22 7.11
N LEU A 292 23.86 -2.92 8.24
CA LEU A 292 25.07 -3.39 8.95
C LEU A 292 25.68 -4.56 8.16
N LYS A 293 24.87 -5.26 7.38
CA LYS A 293 25.40 -6.31 6.48
C LYS A 293 26.26 -5.64 5.41
N LEU A 294 25.78 -4.53 4.84
CA LEU A 294 26.60 -3.77 3.88
C LEU A 294 27.85 -3.20 4.55
N VAL A 295 27.76 -2.76 5.81
CA VAL A 295 28.93 -2.23 6.55
C VAL A 295 30.01 -3.33 6.60
N LYS A 296 29.61 -4.52 7.02
CA LYS A 296 30.54 -5.68 7.16
C LYS A 296 31.15 -6.06 5.80
N GLU A 297 30.33 -6.17 4.76
CA GLU A 297 30.75 -6.65 3.43
C GLU A 297 31.72 -5.67 2.77
N ASN A 298 31.67 -4.39 3.14
CA ASN A 298 32.40 -3.32 2.41
C ASN A 298 33.55 -2.78 3.27
N ASN A 299 33.86 -3.41 4.39
CA ASN A 299 35.00 -3.00 5.23
C ASN A 299 34.79 -1.54 5.66
N ILE A 300 33.56 -1.20 6.01
CA ILE A 300 33.21 0.16 6.54
C ILE A 300 33.54 0.14 8.03
N ARG A 301 34.47 0.97 8.48
CA ARG A 301 34.93 0.93 9.90
C ARG A 301 34.20 2.01 10.72
N SER A 302 33.50 2.94 10.07
CA SER A 302 32.73 3.98 10.78
C SER A 302 31.41 4.25 10.04
N VAL A 303 30.32 4.24 10.77
CA VAL A 303 29.00 4.38 10.11
C VAL A 303 28.13 5.24 11.01
N ALA A 304 27.37 6.17 10.42
CA ALA A 304 26.43 7.05 11.15
C ALA A 304 24.99 6.73 10.71
N PHE A 305 24.12 6.51 11.67
CA PHE A 305 22.68 6.18 11.47
C PHE A 305 21.79 7.33 11.91
N PRO A 306 20.77 7.68 11.10
CA PRO A 306 19.67 8.53 11.55
C PRO A 306 18.62 7.71 12.32
N CYS A 307 17.62 8.41 12.82
CA CYS A 307 16.47 7.85 13.58
C CYS A 307 15.44 7.37 12.54
N ILE A 308 15.75 6.29 11.85
CA ILE A 308 14.95 5.74 10.72
C ILE A 308 13.47 5.60 11.16
N SER A 309 12.57 6.07 10.30
CA SER A 309 11.08 5.91 10.32
C SER A 309 10.44 6.81 11.36
N THR A 310 11.21 7.62 12.11
CA THR A 310 10.64 8.59 13.06
C THR A 310 10.21 9.80 12.24
N GLY A 311 9.40 10.67 12.81
CA GLY A 311 8.83 11.82 12.07
C GLY A 311 7.66 11.42 11.20
N ILE A 312 7.67 11.82 9.93
CA ILE A 312 6.57 11.64 8.95
C ILE A 312 6.22 10.15 8.81
N TYR A 313 7.19 9.24 8.88
CA TYR A 313 6.97 7.78 8.65
C TYR A 313 6.27 7.13 9.86
N GLY A 314 6.17 7.84 10.98
CA GLY A 314 5.20 7.59 12.06
C GLY A 314 5.70 6.66 13.14
N PHE A 315 6.95 6.22 13.10
CA PHE A 315 7.45 5.32 14.18
C PHE A 315 7.71 6.22 15.40
N PRO A 316 7.09 5.93 16.57
CA PRO A 316 7.32 6.72 17.79
C PRO A 316 8.78 6.59 18.23
N ASN A 317 9.32 7.69 18.78
CA ASN A 317 10.80 7.90 18.95
C ASN A 317 11.39 6.90 19.93
N GLU A 318 10.72 6.57 21.03
CA GLU A 318 11.30 5.70 22.09
C GLU A 318 11.38 4.26 21.59
N PRO A 319 10.27 3.63 21.12
CA PRO A 319 10.33 2.27 20.63
C PRO A 319 11.29 2.09 19.44
N ALA A 320 11.38 3.07 18.56
CA ALA A 320 12.34 3.05 17.43
C ALA A 320 13.77 2.98 17.99
N ALA A 321 14.09 3.80 19.02
CA ALA A 321 15.43 3.82 19.65
C ALA A 321 15.74 2.45 20.23
N VAL A 322 14.76 1.80 20.85
CA VAL A 322 14.94 0.45 21.44
C VAL A 322 15.35 -0.52 20.33
N ILE A 323 14.66 -0.48 19.19
CA ILE A 323 14.97 -1.42 18.08
C ILE A 323 16.39 -1.10 17.58
N ALA A 324 16.69 0.17 17.34
CA ALA A 324 17.99 0.63 16.79
C ALA A 324 19.11 0.14 17.71
N LEU A 325 18.96 0.39 19.01
CA LEU A 325 19.99 0.05 20.03
C LEU A 325 20.09 -1.48 20.17
N ASN A 326 18.98 -2.22 20.25
CA ASN A 326 19.05 -3.71 20.30
C ASN A 326 19.78 -4.22 19.08
N THR A 327 19.44 -3.74 17.89
CA THR A 327 19.99 -4.32 16.65
C THR A 327 21.51 -4.06 16.58
N ILE A 328 21.94 -2.84 16.92
CA ILE A 328 23.38 -2.48 16.83
C ILE A 328 24.12 -3.28 17.92
N LYS A 329 23.58 -3.35 19.14
CA LYS A 329 24.21 -4.11 20.25
C LYS A 329 24.46 -5.57 19.83
N GLU A 330 23.42 -6.27 19.33
N GLU A 330 23.42 -6.25 19.32
CA GLU A 330 23.51 -7.68 18.86
CA GLU A 330 23.55 -7.68 18.90
C GLU A 330 24.60 -7.78 17.79
C GLU A 330 24.59 -7.80 17.78
N TRP A 331 24.65 -6.85 16.84
CA TRP A 331 25.63 -6.90 15.72
C TRP A 331 27.04 -6.61 16.28
N LEU A 332 27.15 -5.65 17.21
CA LEU A 332 28.46 -5.29 17.80
C LEU A 332 29.05 -6.50 18.56
N ALA A 333 28.22 -7.28 19.25
CA ALA A 333 28.64 -8.45 20.04
C ALA A 333 29.42 -9.42 19.14
N LYS A 334 29.00 -9.60 17.87
CA LYS A 334 29.65 -10.54 16.93
C LYS A 334 30.71 -9.82 16.08
N ASN A 335 30.62 -8.49 15.86
CA ASN A 335 31.44 -7.82 14.82
C ASN A 335 32.31 -6.68 15.38
N HIS A 336 32.35 -6.45 16.68
CA HIS A 336 33.04 -5.28 17.29
C HIS A 336 34.47 -5.11 16.76
N HIS A 337 35.19 -6.20 16.46
CA HIS A 337 36.59 -6.12 15.96
C HIS A 337 36.62 -5.48 14.57
N GLU A 338 35.50 -5.48 13.84
CA GLU A 338 35.44 -5.02 12.43
C GLU A 338 35.04 -3.53 12.33
N VAL A 339 34.82 -2.83 13.43
CA VAL A 339 34.47 -1.39 13.36
C VAL A 339 35.22 -0.60 14.43
N ASP A 340 35.46 0.68 14.11
CA ASP A 340 35.95 1.71 15.03
C ASP A 340 34.75 2.44 15.64
N ARG A 341 33.69 2.75 14.89
CA ARG A 341 32.61 3.53 15.55
C ARG A 341 31.27 3.34 14.83
N ILE A 342 30.21 3.16 15.61
CA ILE A 342 28.82 3.36 15.16
C ILE A 342 28.32 4.62 15.86
N ILE A 343 27.93 5.60 15.07
CA ILE A 343 27.46 6.93 15.52
C ILE A 343 25.95 6.99 15.33
N PHE A 344 25.21 7.33 16.38
CA PHE A 344 23.78 7.65 16.32
C PHE A 344 23.67 9.15 16.15
N CYS A 345 23.22 9.55 14.96
CA CYS A 345 22.92 10.96 14.60
CA CYS A 345 22.90 10.97 14.62
C CYS A 345 21.52 11.31 15.13
N VAL A 346 21.46 12.19 16.10
CA VAL A 346 20.25 12.47 16.92
C VAL A 346 20.15 13.99 17.04
N PHE A 347 19.76 14.64 15.93
CA PHE A 347 19.53 16.10 15.80
C PHE A 347 18.52 16.64 16.85
N LEU A 348 17.32 16.06 16.92
CA LEU A 348 16.24 16.58 17.80
C LEU A 348 16.52 16.21 19.26
N GLU A 349 16.25 17.17 20.16
CA GLU A 349 16.34 17.02 21.63
C GLU A 349 15.61 15.73 22.05
N VAL A 350 14.41 15.49 21.50
CA VAL A 350 13.60 14.31 21.90
C VAL A 350 14.45 13.04 21.69
N ASP A 351 15.12 12.90 20.53
CA ASP A 351 15.94 11.70 20.19
C ASP A 351 17.21 11.74 21.04
N PHE A 352 17.88 12.88 21.10
CA PHE A 352 19.10 13.03 21.94
C PHE A 352 18.82 12.52 23.37
N LYS A 353 17.72 12.94 23.98
CA LYS A 353 17.42 12.54 25.40
C LYS A 353 17.15 11.04 25.48
N ILE A 354 16.39 10.50 24.53
CA ILE A 354 16.04 9.05 24.55
C ILE A 354 17.32 8.23 24.50
N TYR A 355 18.26 8.57 23.60
CA TYR A 355 19.45 7.72 23.35
C TYR A 355 20.41 7.83 24.55
N LYS A 356 20.59 9.06 24.99
CA LYS A 356 21.44 9.42 26.17
C LYS A 356 21.06 8.50 27.34
N LYS A 357 19.77 8.43 27.68
CA LYS A 357 19.25 7.56 28.78
C LYS A 357 19.59 6.09 28.54
N LYS A 358 19.77 5.61 27.30
CA LYS A 358 19.81 4.15 27.02
C LYS A 358 21.22 3.66 26.71
N MET A 359 22.18 4.53 26.39
CA MET A 359 23.54 4.10 25.95
C MET A 359 24.15 3.13 26.98
N ASN A 360 24.15 3.50 28.26
CA ASN A 360 24.73 2.64 29.34
C ASN A 360 24.05 1.27 29.37
N GLU A 361 22.71 1.25 29.41
CA GLU A 361 21.85 0.03 29.41
C GLU A 361 22.34 -0.96 28.35
N PHE A 362 22.65 -0.48 27.13
CA PHE A 362 22.96 -1.35 25.97
C PHE A 362 24.47 -1.61 25.85
N PHE A 363 25.34 -0.69 26.23
CA PHE A 363 26.78 -0.81 25.85
C PHE A 363 27.72 -0.98 27.07
N SER A 364 27.28 -0.68 28.31
CA SER A 364 28.09 -0.70 29.57
C SER A 364 28.29 -2.14 30.08
N VAL A 365 28.94 -2.27 31.25
CA VAL A 365 29.07 -3.51 32.08
C VAL A 365 28.89 -4.75 31.19
N LYS B 131 -9.59 23.47 12.83
CA LYS B 131 -8.17 23.23 12.44
C LYS B 131 -7.61 21.90 13.02
N LYS B 132 -8.31 21.23 13.95
CA LYS B 132 -7.78 20.08 14.74
C LYS B 132 -7.90 18.78 13.94
N VAL B 133 -9.11 18.37 13.54
CA VAL B 133 -9.46 17.00 13.06
C VAL B 133 -9.81 17.09 11.56
N TRP B 134 -9.07 16.42 10.69
CA TRP B 134 -9.17 16.66 9.23
C TRP B 134 -10.60 16.49 8.69
N ARG B 135 -11.39 15.46 9.08
CA ARG B 135 -12.77 15.30 8.52
C ARG B 135 -13.60 16.53 8.88
N GLU B 136 -13.47 17.04 10.10
CA GLU B 136 -14.29 18.22 10.57
C GLU B 136 -13.81 19.49 9.84
N GLU B 137 -12.50 19.67 9.73
CA GLU B 137 -11.93 20.88 9.05
C GLU B 137 -12.35 20.83 7.57
N LYS B 138 -12.27 19.65 6.97
CA LYS B 138 -12.67 19.43 5.55
C LYS B 138 -14.14 19.83 5.37
N GLU B 139 -15.02 19.36 6.22
CA GLU B 139 -16.46 19.68 6.10
C GLU B 139 -16.68 21.20 6.29
N ARG B 140 -16.00 21.82 7.26
CA ARG B 140 -16.09 23.28 7.55
C ARG B 140 -15.62 24.08 6.33
N LEU B 141 -14.55 23.66 5.66
CA LEU B 141 -13.98 24.49 4.56
C LEU B 141 -14.79 24.33 3.27
N LEU B 142 -15.24 23.12 2.95
CA LEU B 142 -15.80 22.83 1.60
C LEU B 142 -17.18 23.47 1.44
N LYS B 143 -17.92 23.73 2.52
CA LYS B 143 -19.25 24.37 2.37
C LYS B 143 -19.09 25.90 2.35
N MET B 144 -17.87 26.43 2.35
CA MET B 144 -17.69 27.89 2.42
C MET B 144 -17.94 28.54 1.05
N THR B 145 -18.52 29.72 1.05
CA THR B 145 -18.52 30.64 -0.11
C THR B 145 -17.11 31.18 -0.37
N LEU B 146 -16.89 31.73 -1.56
CA LEU B 146 -15.64 32.41 -1.98
C LEU B 146 -15.24 33.46 -0.93
N GLU B 147 -16.20 34.25 -0.43
CA GLU B 147 -15.94 35.32 0.56
C GLU B 147 -15.52 34.68 1.88
N GLU B 148 -16.24 33.65 2.32
CA GLU B 148 -15.88 32.95 3.57
C GLU B 148 -14.49 32.32 3.40
N ARG B 149 -14.19 31.75 2.24
CA ARG B 149 -12.87 31.12 1.95
C ARG B 149 -11.80 32.22 2.16
N ARG B 150 -11.99 33.39 1.56
CA ARG B 150 -10.96 34.47 1.58
C ARG B 150 -10.71 34.97 3.01
N LYS B 151 -11.70 34.90 3.91
CA LYS B 151 -11.49 35.28 5.35
C LYS B 151 -10.50 34.34 6.02
N GLU B 152 -10.33 33.11 5.51
CA GLU B 152 -9.39 32.12 6.10
C GLU B 152 -7.96 32.45 5.73
N TYR B 153 -7.69 33.11 4.59
CA TYR B 153 -6.30 33.11 4.04
C TYR B 153 -5.36 33.78 5.05
N LEU B 154 -4.25 33.12 5.38
CA LEU B 154 -3.20 33.68 6.28
C LEU B 154 -2.06 34.25 5.43
N ARG B 155 -2.04 33.94 4.13
CA ARG B 155 -0.95 34.34 3.22
C ARG B 155 -1.57 35.01 1.99
N ASP B 156 -0.72 35.50 1.13
CA ASP B 156 -1.14 36.19 -0.10
C ASP B 156 -1.66 35.11 -1.07
N TYR B 157 -2.57 35.49 -1.96
CA TYR B 157 -3.06 34.60 -3.04
C TYR B 157 -3.09 35.35 -4.36
N ILE B 158 -3.19 34.58 -5.45
CA ILE B 158 -3.39 35.01 -6.86
C ILE B 158 -4.81 34.61 -7.28
N PRO B 159 -5.74 35.57 -7.45
CA PRO B 159 -7.07 35.27 -7.93
C PRO B 159 -6.97 34.81 -9.39
N LEU B 160 -7.85 33.92 -9.80
CA LEU B 160 -7.88 33.37 -11.19
C LEU B 160 -7.98 34.49 -12.23
N ASN B 161 -8.75 35.55 -11.94
CA ASN B 161 -9.01 36.69 -12.85
C ASN B 161 -7.71 37.46 -13.19
N SER B 162 -6.66 37.39 -12.36
CA SER B 162 -5.37 38.05 -12.64
C SER B 162 -4.46 37.13 -13.47
N ILE B 163 -4.87 35.90 -13.76
CA ILE B 163 -4.05 34.99 -14.62
C ILE B 163 -4.61 35.11 -16.05
N LEU B 164 -3.79 35.51 -17.02
CA LEU B 164 -4.24 35.65 -18.43
C LEU B 164 -4.47 34.26 -19.03
N SER B 165 -5.61 34.06 -19.71
CA SER B 165 -5.82 32.98 -20.71
C SER B 165 -4.70 33.04 -21.74
N TRP B 166 -4.44 31.96 -22.47
CA TRP B 166 -3.40 31.92 -23.53
C TRP B 166 -3.79 32.89 -24.67
N LYS B 167 -5.10 33.05 -24.93
CA LYS B 167 -5.64 34.03 -25.90
C LYS B 167 -5.08 35.41 -25.56
N GLU B 168 -5.31 35.89 -24.33
CA GLU B 168 -4.92 37.26 -23.87
C GLU B 168 -3.39 37.41 -23.88
N GLU B 169 -2.65 36.30 -23.75
CA GLU B 169 -1.16 36.29 -23.77
C GLU B 169 -0.66 36.54 -25.20
N MET B 170 -1.43 36.18 -26.22
CA MET B 170 -1.09 36.41 -27.67
C MET B 170 -1.88 37.62 -28.19
N LYS B 171 -1.99 38.71 -27.43
CA LYS B 171 -2.95 39.82 -27.72
C LYS B 171 -2.62 41.09 -26.91
N SER B 190 -13.21 29.32 -28.02
CA SER B 190 -12.16 28.33 -28.38
C SER B 190 -11.34 27.94 -27.14
N LEU B 191 -10.50 26.91 -27.29
CA LEU B 191 -9.72 26.31 -26.19
C LEU B 191 -8.66 27.29 -25.67
N THR B 192 -8.17 28.23 -26.48
CA THR B 192 -7.15 29.21 -26.02
C THR B 192 -7.71 30.08 -24.88
N GLU B 193 -9.03 30.14 -24.68
CA GLU B 193 -9.64 30.91 -23.54
C GLU B 193 -9.68 30.07 -22.25
N LYS B 194 -9.45 28.76 -22.38
CA LYS B 194 -9.65 27.75 -21.31
C LYS B 194 -8.31 27.31 -20.73
N VAL B 195 -7.17 27.74 -21.28
CA VAL B 195 -5.84 27.30 -20.79
C VAL B 195 -4.97 28.52 -20.52
N SER B 196 -4.10 28.39 -19.53
CA SER B 196 -3.12 29.43 -19.14
C SER B 196 -1.79 28.73 -18.89
N LEU B 197 -0.71 29.45 -19.15
CA LEU B 197 0.66 29.16 -18.70
C LEU B 197 0.96 30.16 -17.58
N TYR B 198 1.31 29.67 -16.39
CA TYR B 198 1.68 30.49 -15.19
C TYR B 198 3.02 30.01 -14.68
N ARG B 199 3.93 30.96 -14.57
CA ARG B 199 5.28 30.74 -14.04
C ARG B 199 5.25 31.30 -12.62
N GLY B 200 5.32 30.43 -11.62
CA GLY B 200 5.27 30.84 -10.20
C GLY B 200 4.93 29.70 -9.25
N ASP B 201 4.58 30.06 -8.02
CA ASP B 201 4.35 29.13 -6.90
C ASP B 201 2.90 28.65 -7.00
N ILE B 202 2.69 27.37 -7.36
CA ILE B 202 1.32 26.77 -7.48
C ILE B 202 0.55 26.96 -6.17
N THR B 203 1.20 27.03 -5.02
CA THR B 203 0.50 27.05 -3.71
C THR B 203 -0.26 28.36 -3.50
N LEU B 204 0.04 29.41 -4.28
CA LEU B 204 -0.64 30.73 -4.15
C LEU B 204 -1.93 30.75 -4.97
N LEU B 205 -2.19 29.76 -5.84
CA LEU B 205 -3.28 29.91 -6.84
C LEU B 205 -4.62 29.75 -6.15
N GLU B 206 -5.50 30.74 -6.30
CA GLU B 206 -6.91 30.60 -5.85
C GLU B 206 -7.68 29.92 -7.00
N VAL B 207 -7.69 28.59 -6.98
CA VAL B 207 -8.38 27.71 -7.96
C VAL B 207 -9.15 26.64 -7.19
N ASP B 208 -9.97 25.88 -7.90
CA ASP B 208 -10.78 24.82 -7.27
C ASP B 208 -9.83 23.70 -6.87
N ALA B 209 -8.78 23.42 -7.65
CA ALA B 209 -7.80 22.37 -7.32
C ALA B 209 -6.41 22.69 -7.84
N ILE B 210 -5.41 22.35 -7.05
CA ILE B 210 -4.02 22.21 -7.54
C ILE B 210 -3.69 20.73 -7.58
N VAL B 211 -2.87 20.34 -8.55
CA VAL B 211 -2.32 18.98 -8.72
C VAL B 211 -0.91 18.92 -8.10
N ASN B 212 -0.70 17.90 -7.27
CA ASN B 212 0.55 17.60 -6.54
C ASN B 212 1.20 16.45 -7.31
N ALA B 213 2.44 16.65 -7.76
CA ALA B 213 3.26 15.62 -8.35
C ALA B 213 3.85 14.85 -7.16
N ALA B 214 3.08 13.93 -6.59
CA ALA B 214 3.34 13.35 -5.26
C ALA B 214 4.20 12.10 -5.44
N ASN B 215 4.60 11.48 -4.35
CA ASN B 215 5.20 10.12 -4.50
C ASN B 215 4.23 9.08 -3.98
N ALA B 216 4.60 7.83 -4.20
CA ALA B 216 3.77 6.65 -3.98
C ALA B 216 3.21 6.66 -2.54
N SER B 217 3.90 7.27 -1.57
CA SER B 217 3.53 7.17 -0.13
C SER B 217 2.43 8.20 0.17
N LEU B 218 2.28 9.23 -0.71
CA LEU B 218 1.44 10.43 -0.50
C LEU B 218 1.77 11.20 0.79
N LEU B 219 2.88 10.94 1.48
CA LEU B 219 3.19 11.58 2.79
C LEU B 219 3.99 12.87 2.58
N GLY B 220 4.24 13.26 1.32
CA GLY B 220 5.01 14.47 1.03
C GLY B 220 6.44 14.15 0.65
N GLY B 221 7.31 15.13 0.65
CA GLY B 221 8.69 14.96 0.18
C GLY B 221 9.33 16.29 -0.11
N GLY B 222 10.14 16.36 -1.17
CA GLY B 222 10.78 17.61 -1.61
C GLY B 222 10.00 18.26 -2.73
N GLY B 223 10.62 19.23 -3.38
CA GLY B 223 10.05 19.95 -4.53
C GLY B 223 8.67 20.52 -4.20
N VAL B 224 7.77 20.52 -5.16
CA VAL B 224 6.45 21.18 -4.99
C VAL B 224 5.66 20.39 -3.92
N ASP B 225 5.86 19.08 -3.85
CA ASP B 225 5.11 18.20 -2.91
C ASP B 225 5.30 18.78 -1.50
N GLY B 226 6.56 19.01 -1.11
CA GLY B 226 6.96 19.66 0.16
C GLY B 226 6.31 21.00 0.36
N CYS B 227 6.32 21.83 -0.68
CA CYS B 227 5.74 23.21 -0.60
CA CYS B 227 5.74 23.21 -0.67
C CYS B 227 4.24 23.12 -0.36
N ILE B 228 3.56 22.19 -1.04
CA ILE B 228 2.09 22.00 -0.90
C ILE B 228 1.78 21.60 0.55
N HIS B 229 2.57 20.72 1.12
CA HIS B 229 2.32 20.19 2.48
C HIS B 229 2.57 21.28 3.53
N ARG B 230 3.67 22.03 3.43
CA ARG B 230 3.90 23.19 4.35
C ARG B 230 2.78 24.22 4.19
N ALA B 231 2.37 24.54 2.96
CA ALA B 231 1.37 25.61 2.73
C ALA B 231 -0.01 25.11 3.23
N ALA B 232 -0.37 23.85 2.97
CA ALA B 232 -1.71 23.30 3.35
C ALA B 232 -1.82 23.11 4.87
N GLY B 233 -0.71 22.81 5.53
CA GLY B 233 -0.68 22.53 6.98
C GLY B 233 -0.93 21.05 7.26
N PRO B 234 -0.90 20.65 8.54
CA PRO B 234 -0.85 19.22 8.91
C PRO B 234 -2.10 18.38 8.62
N CYS B 235 -3.26 19.00 8.37
CA CYS B 235 -4.50 18.26 8.02
C CYS B 235 -4.33 17.59 6.66
N LEU B 236 -3.46 18.12 5.79
CA LEU B 236 -3.26 17.46 4.47
C LEU B 236 -2.56 16.12 4.68
N LEU B 237 -1.50 16.11 5.50
CA LEU B 237 -0.78 14.84 5.84
C LEU B 237 -1.76 13.88 6.52
N ALA B 238 -2.59 14.39 7.43
CA ALA B 238 -3.55 13.57 8.18
C ALA B 238 -4.53 12.88 7.21
N GLU B 239 -5.11 13.62 6.25
CA GLU B 239 -6.05 13.04 5.29
C GLU B 239 -5.29 12.03 4.41
N CYS B 240 -4.08 12.39 3.99
CA CYS B 240 -3.21 11.55 3.12
C CYS B 240 -2.87 10.24 3.82
N ARG B 241 -2.66 10.28 5.14
CA ARG B 241 -2.33 9.05 5.89
C ARG B 241 -3.49 8.05 5.77
N ASN B 242 -4.73 8.50 5.67
CA ASN B 242 -5.91 7.59 5.55
C ASN B 242 -5.93 6.90 4.18
N LEU B 243 -5.11 7.33 3.22
CA LEU B 243 -5.16 6.83 1.82
C LEU B 243 -4.10 5.78 1.54
N ASN B 244 -3.16 5.50 2.44
CA ASN B 244 -2.12 4.44 2.24
C ASN B 244 -1.47 4.57 0.85
N GLY B 245 -1.18 5.78 0.41
CA GLY B 245 -0.43 6.02 -0.82
C GLY B 245 -1.30 5.97 -2.06
N CYS B 246 -0.66 5.82 -3.20
CA CYS B 246 -1.29 5.99 -4.54
C CYS B 246 -0.39 5.31 -5.57
N ASP B 247 -0.96 4.50 -6.44
CA ASP B 247 -0.18 3.81 -7.49
C ASP B 247 0.21 4.84 -8.57
N THR B 248 1.33 4.56 -9.22
CA THR B 248 1.75 5.21 -10.49
C THR B 248 0.56 5.27 -11.45
N GLY B 249 0.31 6.45 -12.02
CA GLY B 249 -0.67 6.62 -13.10
C GLY B 249 -2.08 6.84 -12.56
N HIS B 250 -2.22 6.96 -11.24
CA HIS B 250 -3.51 7.20 -10.55
C HIS B 250 -3.41 8.53 -9.79
N ALA B 251 -4.57 9.02 -9.38
CA ALA B 251 -4.70 10.29 -8.65
C ALA B 251 -5.74 10.09 -7.55
N LYS B 252 -5.60 10.84 -6.45
CA LYS B 252 -6.62 10.93 -5.39
C LYS B 252 -6.85 12.39 -5.00
N ILE B 253 -8.06 12.70 -4.58
CA ILE B 253 -8.44 14.10 -4.27
C ILE B 253 -8.66 14.25 -2.76
N THR B 254 -8.04 15.26 -2.18
CA THR B 254 -8.19 15.67 -0.76
C THR B 254 -8.63 17.14 -0.68
N CYS B 255 -8.99 17.55 0.53
CA CYS B 255 -9.16 18.97 0.87
C CYS B 255 -7.80 19.67 0.73
N GLY B 256 -7.82 20.97 0.41
CA GLY B 256 -6.63 21.85 0.38
C GLY B 256 -6.32 22.53 1.70
N TYR B 257 -7.23 22.54 2.67
CA TYR B 257 -6.98 23.08 4.04
C TYR B 257 -6.49 24.53 3.93
N ASP B 258 -5.31 24.84 4.43
CA ASP B 258 -4.85 26.26 4.51
C ASP B 258 -4.51 26.81 3.12
N LEU B 259 -4.38 25.97 2.08
CA LEU B 259 -4.22 26.53 0.70
C LEU B 259 -5.47 27.32 0.34
N PRO B 260 -5.32 28.35 -0.51
CA PRO B 260 -6.48 28.98 -1.14
C PRO B 260 -7.22 27.98 -2.04
N ALA B 261 -6.52 27.03 -2.66
CA ALA B 261 -7.14 25.94 -3.45
C ALA B 261 -8.11 25.16 -2.58
N LYS B 262 -9.30 24.88 -3.11
CA LYS B 262 -10.35 24.09 -2.40
C LYS B 262 -9.80 22.68 -2.18
N TYR B 263 -9.23 22.11 -3.24
CA TYR B 263 -8.77 20.71 -3.25
C TYR B 263 -7.32 20.60 -3.64
N VAL B 264 -6.70 19.49 -3.24
CA VAL B 264 -5.45 18.98 -3.87
C VAL B 264 -5.77 17.64 -4.52
N ILE B 265 -5.29 17.49 -5.75
CA ILE B 265 -5.32 16.22 -6.51
C ILE B 265 -3.89 15.71 -6.50
N HIS B 266 -3.65 14.62 -5.79
CA HIS B 266 -2.29 14.02 -5.68
C HIS B 266 -2.21 12.96 -6.76
N THR B 267 -1.17 12.99 -7.57
CA THR B 267 -0.95 12.00 -8.63
C THR B 267 0.50 11.57 -8.54
N VAL B 268 0.74 10.32 -8.87
CA VAL B 268 2.07 9.67 -8.81
C VAL B 268 2.58 9.39 -10.22
N GLY B 269 3.58 10.15 -10.64
CA GLY B 269 4.10 10.05 -12.01
C GLY B 269 5.01 8.86 -12.13
N PRO B 270 5.17 8.32 -13.36
CA PRO B 270 6.15 7.27 -13.59
C PRO B 270 7.56 7.80 -13.37
N ILE B 271 8.44 6.84 -13.09
CA ILE B 271 9.89 7.06 -12.92
C ILE B 271 10.62 6.44 -14.12
N ALA B 272 11.43 7.24 -14.79
CA ALA B 272 12.29 6.81 -15.92
C ALA B 272 13.73 6.74 -15.40
N ARG B 273 14.25 5.54 -15.20
CA ARG B 273 15.68 5.28 -14.90
C ARG B 273 16.29 4.87 -16.25
N GLY B 274 16.83 5.84 -16.99
CA GLY B 274 17.20 5.66 -18.41
C GLY B 274 16.07 6.07 -19.36
N HIS B 275 16.01 5.46 -20.54
CA HIS B 275 15.25 5.97 -21.71
C HIS B 275 13.75 5.66 -21.51
N ILE B 276 12.88 6.61 -21.85
CA ILE B 276 11.41 6.39 -21.72
C ILE B 276 11.01 5.39 -22.80
N ASN B 277 10.08 4.50 -22.46
CA ASN B 277 9.41 3.57 -23.40
C ASN B 277 7.89 3.84 -23.35
N GLY B 278 7.10 3.07 -24.11
CA GLY B 278 5.64 3.28 -24.23
C GLY B 278 4.92 3.15 -22.88
N SER B 279 5.44 2.34 -21.95
CA SER B 279 4.81 2.15 -20.63
C SER B 279 4.96 3.43 -19.78
N HIS B 280 6.13 4.06 -19.78
CA HIS B 280 6.33 5.37 -19.12
C HIS B 280 5.34 6.39 -19.67
N LYS B 281 5.15 6.42 -21.00
CA LYS B 281 4.34 7.47 -21.68
C LYS B 281 2.86 7.26 -21.33
N GLU B 282 2.40 6.02 -21.36
CA GLU B 282 1.03 5.61 -20.96
C GLU B 282 0.78 5.98 -19.47
N ASP B 283 1.70 5.64 -18.56
CA ASP B 283 1.49 5.93 -17.11
C ASP B 283 1.38 7.45 -16.93
N LEU B 284 2.27 8.24 -17.57
CA LEU B 284 2.22 9.71 -17.45
C LEU B 284 0.87 10.23 -17.95
N ALA B 285 0.44 9.78 -19.12
CA ALA B 285 -0.87 10.20 -19.68
C ALA B 285 -1.96 9.88 -18.65
N ASN B 286 -1.90 8.69 -18.03
CA ASN B 286 -2.93 8.26 -17.04
C ASN B 286 -2.92 9.15 -15.80
N CYS B 287 -1.78 9.70 -15.40
CA CYS B 287 -1.75 10.70 -14.29
C CYS B 287 -2.68 11.87 -14.64
N TYR B 288 -2.54 12.42 -15.86
CA TYR B 288 -3.36 13.57 -16.30
C TYR B 288 -4.82 13.13 -16.41
N LYS B 289 -5.09 11.97 -17.01
CA LYS B 289 -6.49 11.49 -17.20
C LYS B 289 -7.15 11.19 -15.85
N SER B 290 -6.45 10.51 -14.96
CA SER B 290 -6.97 10.21 -13.59
C SER B 290 -7.25 11.53 -12.87
N SER B 291 -6.35 12.52 -13.00
CA SER B 291 -6.53 13.85 -12.38
C SER B 291 -7.78 14.52 -12.97
N LEU B 292 -7.94 14.49 -14.29
CA LEU B 292 -9.08 15.17 -14.97
C LEU B 292 -10.39 14.45 -14.70
N LYS B 293 -10.37 13.15 -14.46
CA LYS B 293 -11.62 12.43 -14.06
C LYS B 293 -12.06 12.96 -12.69
N LEU B 294 -11.11 13.23 -11.80
CA LEU B 294 -11.50 13.81 -10.48
C LEU B 294 -11.97 15.24 -10.67
N VAL B 295 -11.38 15.99 -11.61
CA VAL B 295 -11.84 17.38 -11.90
C VAL B 295 -13.33 17.32 -12.31
N LYS B 296 -13.67 16.45 -13.24
CA LYS B 296 -15.08 16.30 -13.71
C LYS B 296 -15.97 15.86 -12.54
N GLU B 297 -15.62 14.77 -11.84
CA GLU B 297 -16.50 14.20 -10.79
C GLU B 297 -16.78 15.24 -9.70
N ASN B 298 -15.84 16.15 -9.41
CA ASN B 298 -15.94 17.00 -8.20
C ASN B 298 -16.31 18.43 -8.60
N ASN B 299 -16.73 18.68 -9.85
CA ASN B 299 -17.24 20.00 -10.32
C ASN B 299 -16.16 21.06 -10.12
N ILE B 300 -14.92 20.70 -10.43
CA ILE B 300 -13.73 21.60 -10.32
C ILE B 300 -13.68 22.42 -11.63
N ARG B 301 -13.80 23.75 -11.54
CA ARG B 301 -13.88 24.66 -12.72
C ARG B 301 -12.50 25.22 -13.06
N SER B 302 -11.54 25.13 -12.14
CA SER B 302 -10.15 25.63 -12.35
C SER B 302 -9.20 24.65 -11.69
N VAL B 303 -8.17 24.27 -12.41
CA VAL B 303 -7.16 23.30 -11.91
C VAL B 303 -5.81 23.70 -12.47
N ALA B 304 -4.76 23.58 -11.64
CA ALA B 304 -3.37 23.84 -12.05
C ALA B 304 -2.58 22.55 -11.99
N PHE B 305 -1.77 22.30 -13.01
CA PHE B 305 -0.89 21.12 -13.17
C PHE B 305 0.56 21.58 -13.13
N PRO B 306 1.41 20.87 -12.36
CA PRO B 306 2.85 21.05 -12.43
C PRO B 306 3.35 20.10 -13.51
N CYS B 307 4.65 20.11 -13.78
CA CYS B 307 5.32 19.26 -14.79
C CYS B 307 5.63 17.85 -14.24
N ILE B 308 4.66 16.96 -14.25
CA ILE B 308 4.75 15.64 -13.57
C ILE B 308 5.84 14.80 -14.21
N SER B 309 6.64 14.14 -13.39
CA SER B 309 7.64 13.07 -13.73
C SER B 309 8.96 13.67 -14.25
N THR B 310 9.02 14.99 -14.39
CA THR B 310 10.26 15.70 -14.81
C THR B 310 11.18 15.82 -13.59
N GLY B 311 12.40 16.29 -13.77
CA GLY B 311 13.35 16.42 -12.65
C GLY B 311 13.80 15.08 -12.13
N ILE B 312 13.67 14.83 -10.82
CA ILE B 312 14.27 13.59 -10.23
C ILE B 312 13.57 12.36 -10.81
N TYR B 313 12.32 12.44 -11.27
CA TYR B 313 11.60 11.27 -11.84
C TYR B 313 12.11 10.91 -13.24
N GLY B 314 12.85 11.79 -13.92
CA GLY B 314 13.73 11.40 -15.06
C GLY B 314 13.06 11.52 -16.42
N PHE B 315 11.81 11.98 -16.49
CA PHE B 315 11.04 12.04 -17.76
C PHE B 315 11.53 13.27 -18.52
N PRO B 316 12.11 13.15 -19.73
CA PRO B 316 12.62 14.33 -20.44
C PRO B 316 11.53 15.40 -20.54
N ASN B 317 11.89 16.68 -20.36
CA ASN B 317 10.94 17.82 -20.23
C ASN B 317 10.10 17.95 -21.51
N GLU B 318 10.69 17.76 -22.69
CA GLU B 318 9.98 18.03 -23.96
C GLU B 318 8.89 16.98 -24.19
N PRO B 319 9.20 15.67 -24.18
CA PRO B 319 8.17 14.64 -24.42
C PRO B 319 7.13 14.60 -23.29
N ALA B 320 7.48 15.09 -22.09
CA ALA B 320 6.53 15.21 -20.95
C ALA B 320 5.47 16.28 -21.28
N ALA B 321 5.91 17.46 -21.72
CA ALA B 321 4.99 18.56 -22.09
C ALA B 321 4.05 18.09 -23.21
N VAL B 322 4.54 17.30 -24.15
CA VAL B 322 3.75 16.82 -25.31
C VAL B 322 2.62 15.92 -24.79
N ILE B 323 2.92 15.01 -23.86
CA ILE B 323 1.87 14.12 -23.28
C ILE B 323 0.90 14.98 -22.46
N ALA B 324 1.38 15.94 -21.67
CA ALA B 324 0.52 16.78 -20.84
C ALA B 324 -0.46 17.55 -21.74
N LEU B 325 0.08 18.25 -22.72
CA LEU B 325 -0.74 19.15 -23.57
C LEU B 325 -1.72 18.30 -24.38
N ASN B 326 -1.25 17.17 -24.92
CA ASN B 326 -2.09 16.24 -25.71
C ASN B 326 -3.25 15.71 -24.84
N THR B 327 -2.97 15.31 -23.60
CA THR B 327 -3.99 14.72 -22.71
C THR B 327 -5.04 15.78 -22.36
N ILE B 328 -4.61 16.97 -21.96
CA ILE B 328 -5.55 18.07 -21.62
C ILE B 328 -6.32 18.48 -22.90
N LYS B 329 -5.66 18.54 -24.06
CA LYS B 329 -6.35 18.98 -25.30
C LYS B 329 -7.48 18.00 -25.65
N GLU B 330 -7.20 16.69 -25.68
CA GLU B 330 -8.22 15.64 -25.96
C GLU B 330 -9.35 15.72 -24.93
N TRP B 331 -9.05 15.93 -23.65
CA TRP B 331 -10.10 16.04 -22.60
C TRP B 331 -10.96 17.29 -22.83
N LEU B 332 -10.33 18.42 -23.15
CA LEU B 332 -11.02 19.71 -23.37
C LEU B 332 -11.97 19.60 -24.57
N ALA B 333 -11.59 18.86 -25.61
CA ALA B 333 -12.44 18.60 -26.79
C ALA B 333 -13.83 18.12 -26.32
N LYS B 334 -13.91 17.33 -25.25
CA LYS B 334 -15.18 16.71 -24.78
C LYS B 334 -15.75 17.51 -23.62
N ASN B 335 -14.90 18.19 -22.83
CA ASN B 335 -15.29 18.65 -21.48
C ASN B 335 -15.15 20.17 -21.35
N HIS B 336 -14.82 20.91 -22.41
CA HIS B 336 -14.53 22.38 -22.35
C HIS B 336 -15.66 23.13 -21.62
N HIS B 337 -16.92 22.71 -21.75
CA HIS B 337 -18.07 23.44 -21.16
C HIS B 337 -18.04 23.37 -19.63
N GLU B 338 -17.34 22.39 -19.04
CA GLU B 338 -17.42 22.24 -17.55
C GLU B 338 -16.14 22.76 -16.88
N VAL B 339 -15.30 23.54 -17.56
CA VAL B 339 -14.14 24.22 -16.90
C VAL B 339 -14.05 25.67 -17.37
N ASP B 340 -13.58 26.55 -16.47
CA ASP B 340 -13.16 27.94 -16.77
C ASP B 340 -11.68 27.95 -17.16
N ARG B 341 -10.81 27.18 -16.49
CA ARG B 341 -9.37 27.29 -16.77
C ARG B 341 -8.61 26.03 -16.32
N ILE B 342 -7.75 25.56 -17.22
CA ILE B 342 -6.63 24.62 -16.93
C ILE B 342 -5.34 25.42 -17.02
N ILE B 343 -4.64 25.52 -15.89
CA ILE B 343 -3.35 26.26 -15.79
C ILE B 343 -2.22 25.25 -15.78
N PHE B 344 -1.28 25.41 -16.70
CA PHE B 344 0.04 24.75 -16.67
C PHE B 344 0.94 25.65 -15.83
N CYS B 345 1.24 25.17 -14.63
CA CYS B 345 2.07 25.87 -13.62
C CYS B 345 3.50 25.36 -13.81
N VAL B 346 4.38 26.17 -14.38
CA VAL B 346 5.82 25.85 -14.51
C VAL B 346 6.61 26.70 -13.49
N PHE B 347 7.86 26.31 -13.25
CA PHE B 347 8.82 26.93 -12.30
C PHE B 347 10.06 27.23 -13.14
N LEU B 348 10.69 26.15 -13.61
CA LEU B 348 11.99 26.15 -14.31
C LEU B 348 11.85 26.82 -15.67
N GLU B 349 12.89 27.58 -16.01
CA GLU B 349 13.11 28.27 -17.31
C GLU B 349 12.77 27.29 -18.42
N VAL B 350 13.39 26.11 -18.38
CA VAL B 350 13.37 25.08 -19.45
C VAL B 350 11.92 24.65 -19.73
N ASP B 351 11.09 24.49 -18.70
CA ASP B 351 9.66 24.10 -18.89
C ASP B 351 8.90 25.30 -19.48
N PHE B 352 9.11 26.51 -18.97
CA PHE B 352 8.42 27.72 -19.51
C PHE B 352 8.68 27.80 -21.02
N LYS B 353 9.95 27.70 -21.42
CA LYS B 353 10.37 27.72 -22.85
C LYS B 353 9.60 26.65 -23.63
N ILE B 354 9.59 25.40 -23.16
CA ILE B 354 8.96 24.25 -23.88
C ILE B 354 7.45 24.54 -24.02
N TYR B 355 6.76 24.93 -22.93
CA TYR B 355 5.29 25.11 -22.92
C TYR B 355 4.88 26.31 -23.82
N LYS B 356 5.52 27.47 -23.65
CA LYS B 356 5.33 28.67 -24.53
C LYS B 356 5.32 28.26 -25.99
N LYS B 357 6.35 27.56 -26.45
CA LYS B 357 6.46 27.10 -27.87
C LYS B 357 5.31 26.15 -28.21
N LYS B 358 4.95 25.21 -27.32
CA LYS B 358 3.96 24.16 -27.67
C LYS B 358 2.51 24.69 -27.61
N MET B 359 2.22 25.79 -26.91
CA MET B 359 0.81 26.21 -26.65
C MET B 359 0.08 26.47 -27.98
N ASN B 360 0.66 27.23 -28.90
CA ASN B 360 -0.04 27.62 -30.16
C ASN B 360 -0.34 26.38 -31.00
N GLU B 361 0.66 25.51 -31.16
CA GLU B 361 0.57 24.16 -31.79
C GLU B 361 -0.68 23.43 -31.29
N PHE B 362 -0.87 23.34 -29.97
CA PHE B 362 -1.97 22.53 -29.37
C PHE B 362 -3.27 23.34 -29.31
N PHE B 363 -3.21 24.66 -29.13
CA PHE B 363 -4.40 25.42 -28.65
C PHE B 363 -4.90 26.47 -29.66
N SER B 364 -4.05 27.12 -30.48
CA SER B 364 -4.49 28.07 -31.55
C SER B 364 -4.84 27.31 -32.84
N LYS C 132 -6.27 -34.93 9.81
CA LYS C 132 -5.02 -35.41 9.13
C LYS C 132 -3.86 -34.43 9.40
N VAL C 133 -2.63 -34.90 9.27
CA VAL C 133 -1.37 -34.10 9.31
C VAL C 133 -0.93 -33.93 7.84
N TRP C 134 -0.75 -32.70 7.40
CA TRP C 134 -0.64 -32.37 5.95
C TRP C 134 0.59 -33.04 5.33
N ARG C 135 1.70 -33.11 6.06
CA ARG C 135 2.97 -33.66 5.52
C ARG C 135 2.76 -35.13 5.17
N GLU C 136 2.05 -35.87 6.03
CA GLU C 136 1.78 -37.32 5.86
C GLU C 136 0.75 -37.52 4.75
N GLU C 137 -0.27 -36.68 4.72
CA GLU C 137 -1.34 -36.78 3.71
C GLU C 137 -0.77 -36.43 2.33
N LYS C 138 0.07 -35.41 2.25
CA LYS C 138 0.75 -35.07 0.97
C LYS C 138 1.59 -36.27 0.50
N GLU C 139 2.44 -36.83 1.36
CA GLU C 139 3.30 -37.99 0.99
C GLU C 139 2.41 -39.13 0.48
N ARG C 140 1.30 -39.41 1.18
CA ARG C 140 0.35 -40.49 0.85
C ARG C 140 -0.22 -40.26 -0.56
N LEU C 141 -0.71 -39.04 -0.83
CA LEU C 141 -1.45 -38.71 -2.08
C LEU C 141 -0.49 -38.68 -3.28
N LEU C 142 0.71 -38.15 -3.12
CA LEU C 142 1.62 -37.85 -4.27
C LEU C 142 2.18 -39.14 -4.88
N LYS C 143 2.19 -40.27 -4.17
CA LYS C 143 2.67 -41.57 -4.73
C LYS C 143 1.49 -42.43 -5.24
N MET C 144 0.25 -41.93 -5.20
CA MET C 144 -0.93 -42.72 -5.63
C MET C 144 -1.18 -42.48 -7.12
N THR C 145 -1.67 -43.51 -7.82
CA THR C 145 -2.05 -43.46 -9.26
C THR C 145 -3.40 -42.77 -9.41
N LEU C 146 -3.73 -42.40 -10.64
CA LEU C 146 -5.07 -41.84 -10.95
C LEU C 146 -6.16 -42.81 -10.47
N GLU C 147 -6.09 -44.12 -10.75
CA GLU C 147 -7.20 -45.06 -10.34
C GLU C 147 -7.28 -45.13 -8.81
N GLU C 148 -6.14 -45.20 -8.13
CA GLU C 148 -6.02 -45.17 -6.63
C GLU C 148 -6.74 -43.91 -6.10
N ARG C 149 -6.50 -42.74 -6.71
CA ARG C 149 -7.04 -41.43 -6.25
C ARG C 149 -8.57 -41.41 -6.41
N ARG C 150 -9.06 -41.90 -7.56
CA ARG C 150 -10.50 -41.85 -7.93
C ARG C 150 -11.30 -42.61 -6.87
N LYS C 151 -10.75 -43.73 -6.38
CA LYS C 151 -11.41 -44.58 -5.36
C LYS C 151 -11.86 -43.71 -4.19
N GLU C 152 -11.18 -42.59 -3.93
CA GLU C 152 -11.37 -41.76 -2.71
C GLU C 152 -12.13 -40.46 -2.98
N TYR C 153 -12.43 -40.11 -4.23
CA TYR C 153 -13.02 -38.79 -4.54
C TYR C 153 -14.31 -38.63 -3.71
N LEU C 154 -14.49 -37.46 -3.10
CA LEU C 154 -15.79 -37.09 -2.48
C LEU C 154 -16.81 -36.87 -3.61
N ARG C 155 -16.45 -36.07 -4.63
CA ARG C 155 -17.40 -35.47 -5.60
C ARG C 155 -17.18 -36.00 -7.04
N ASP C 156 -18.10 -35.65 -7.93
CA ASP C 156 -17.93 -35.73 -9.41
C ASP C 156 -16.71 -34.91 -9.78
N TYR C 157 -16.03 -35.28 -10.86
CA TYR C 157 -14.79 -34.62 -11.35
C TYR C 157 -14.86 -34.58 -12.86
N ILE C 158 -14.01 -33.79 -13.49
CA ILE C 158 -13.88 -33.68 -14.97
C ILE C 158 -12.53 -34.28 -15.38
N PRO C 159 -12.51 -35.46 -16.03
CA PRO C 159 -11.25 -36.04 -16.49
C PRO C 159 -10.64 -35.17 -17.60
N LEU C 160 -9.30 -35.13 -17.65
CA LEU C 160 -8.55 -34.32 -18.64
C LEU C 160 -8.99 -34.71 -20.06
N ASN C 161 -9.20 -36.01 -20.32
CA ASN C 161 -9.51 -36.52 -21.68
C ASN C 161 -10.97 -36.23 -22.06
N SER C 162 -11.76 -35.59 -21.18
CA SER C 162 -13.13 -35.09 -21.48
C SER C 162 -13.05 -33.60 -21.85
N ILE C 163 -11.85 -33.05 -21.89
CA ILE C 163 -11.64 -31.63 -22.27
C ILE C 163 -10.97 -31.64 -23.63
N LEU C 164 -11.65 -31.07 -24.60
CA LEU C 164 -11.12 -30.95 -25.99
C LEU C 164 -9.94 -29.98 -26.02
N SER C 165 -8.89 -30.35 -26.75
CA SER C 165 -7.86 -29.40 -27.24
C SER C 165 -8.57 -28.35 -28.08
N TRP C 166 -7.95 -27.20 -28.28
CA TRP C 166 -8.52 -26.15 -29.15
C TRP C 166 -8.64 -26.70 -30.58
N LYS C 167 -7.68 -27.54 -30.97
CA LYS C 167 -7.61 -28.25 -32.29
C LYS C 167 -8.90 -29.07 -32.49
N GLU C 168 -9.17 -30.02 -31.58
CA GLU C 168 -10.40 -30.86 -31.59
C GLU C 168 -11.64 -29.95 -31.60
N GLU C 169 -11.60 -28.83 -30.87
CA GLU C 169 -12.81 -27.98 -30.63
C GLU C 169 -13.19 -27.25 -31.93
N MET C 170 -12.20 -26.87 -32.77
CA MET C 170 -12.40 -26.00 -33.96
C MET C 170 -12.71 -26.82 -35.22
N LYS C 171 -12.19 -28.05 -35.32
CA LYS C 171 -12.48 -28.97 -36.47
C LYS C 171 -13.84 -29.64 -36.23
N SER C 190 1.13 -28.72 -33.99
CA SER C 190 0.65 -27.36 -33.64
C SER C 190 0.47 -27.24 -32.12
N LEU C 191 0.53 -25.99 -31.61
CA LEU C 191 0.30 -25.66 -30.19
C LEU C 191 -1.19 -25.76 -29.85
N THR C 192 -2.07 -25.73 -30.86
CA THR C 192 -3.55 -25.90 -30.71
C THR C 192 -3.89 -27.25 -30.06
N GLU C 193 -2.99 -28.24 -30.08
CA GLU C 193 -3.20 -29.56 -29.41
C GLU C 193 -2.82 -29.49 -27.93
N LYS C 194 -2.13 -28.42 -27.52
CA LYS C 194 -1.51 -28.27 -26.19
C LYS C 194 -2.32 -27.32 -25.28
N VAL C 195 -3.35 -26.66 -25.79
CA VAL C 195 -4.14 -25.66 -25.02
C VAL C 195 -5.63 -25.98 -25.19
N SER C 196 -6.42 -25.64 -24.16
CA SER C 196 -7.89 -25.78 -24.09
C SER C 196 -8.49 -24.51 -23.47
N LEU C 197 -9.73 -24.25 -23.80
CA LEU C 197 -10.54 -23.21 -23.12
C LEU C 197 -11.66 -23.97 -22.47
N TYR C 198 -11.85 -23.81 -21.16
CA TYR C 198 -12.84 -24.58 -20.37
C TYR C 198 -13.65 -23.59 -19.55
N ARG C 199 -14.97 -23.63 -19.72
CA ARG C 199 -15.92 -22.79 -18.99
C ARG C 199 -16.52 -23.68 -17.91
N GLY C 200 -16.29 -23.39 -16.64
CA GLY C 200 -16.74 -24.24 -15.53
C GLY C 200 -15.93 -24.01 -14.27
N ASP C 201 -16.09 -24.91 -13.29
CA ASP C 201 -15.49 -24.86 -11.94
C ASP C 201 -14.11 -25.52 -12.01
N ILE C 202 -13.05 -24.75 -11.79
CA ILE C 202 -11.65 -25.26 -11.85
C ILE C 202 -11.43 -26.33 -10.78
N THR C 203 -12.27 -26.39 -9.73
CA THR C 203 -12.01 -27.34 -8.61
C THR C 203 -12.34 -28.79 -9.03
N LEU C 204 -13.05 -28.96 -10.14
CA LEU C 204 -13.50 -30.29 -10.63
C LEU C 204 -12.45 -30.91 -11.54
N LEU C 205 -11.49 -30.12 -11.99
CA LEU C 205 -10.52 -30.59 -13.02
C LEU C 205 -9.54 -31.60 -12.42
N GLU C 206 -9.50 -32.78 -13.02
CA GLU C 206 -8.54 -33.85 -12.69
C GLU C 206 -7.32 -33.62 -13.56
N VAL C 207 -6.42 -32.77 -13.07
CA VAL C 207 -5.19 -32.35 -13.79
C VAL C 207 -4.05 -32.37 -12.78
N ASP C 208 -2.81 -32.31 -13.25
CA ASP C 208 -1.63 -32.33 -12.35
C ASP C 208 -1.66 -31.05 -11.47
N ALA C 209 -2.09 -29.89 -11.99
CA ALA C 209 -2.14 -28.64 -11.17
C ALA C 209 -3.27 -27.72 -11.61
N ILE C 210 -3.94 -27.15 -10.62
CA ILE C 210 -4.79 -25.96 -10.86
C ILE C 210 -4.09 -24.76 -10.24
N VAL C 211 -4.24 -23.61 -10.86
CA VAL C 211 -3.62 -22.36 -10.38
C VAL C 211 -4.68 -21.63 -9.59
N ASN C 212 -4.30 -21.17 -8.40
CA ASN C 212 -5.18 -20.37 -7.52
C ASN C 212 -4.77 -18.91 -7.60
N ALA C 213 -5.74 -18.02 -7.84
CA ALA C 213 -5.53 -16.57 -7.82
C ALA C 213 -5.68 -16.17 -6.36
N ALA C 214 -4.61 -16.31 -5.61
CA ALA C 214 -4.59 -16.24 -4.13
C ALA C 214 -4.35 -14.78 -3.71
N ASN C 215 -4.43 -14.51 -2.42
CA ASN C 215 -3.96 -13.21 -1.89
C ASN C 215 -2.67 -13.45 -1.12
N ALA C 216 -1.99 -12.37 -0.75
CA ALA C 216 -0.62 -12.35 -0.20
C ALA C 216 -0.53 -13.24 1.05
N SER C 217 -1.59 -13.37 1.84
CA SER C 217 -1.59 -14.17 3.10
C SER C 217 -1.48 -15.67 2.78
N LEU C 218 -1.94 -16.07 1.60
CA LEU C 218 -2.17 -17.47 1.13
C LEU C 218 -3.19 -18.20 2.03
N LEU C 219 -3.99 -17.52 2.82
CA LEU C 219 -4.87 -18.25 3.77
C LEU C 219 -6.26 -18.46 3.15
N GLY C 220 -6.50 -18.04 1.92
CA GLY C 220 -7.83 -18.20 1.28
C GLY C 220 -8.57 -16.89 1.28
N GLY C 221 -9.85 -16.87 0.97
CA GLY C 221 -10.57 -15.62 0.66
C GLY C 221 -11.85 -15.93 -0.09
N GLY C 222 -12.28 -15.06 -1.00
CA GLY C 222 -13.50 -15.27 -1.80
C GLY C 222 -13.18 -15.81 -3.18
N GLY C 223 -14.15 -15.80 -4.09
CA GLY C 223 -13.95 -16.25 -5.48
C GLY C 223 -13.39 -17.67 -5.51
N VAL C 224 -12.59 -17.98 -6.51
CA VAL C 224 -12.10 -19.38 -6.72
C VAL C 224 -11.19 -19.73 -5.54
N ASP C 225 -10.42 -18.77 -5.01
CA ASP C 225 -9.57 -19.01 -3.82
C ASP C 225 -10.42 -19.75 -2.78
N GLY C 226 -11.54 -19.15 -2.39
CA GLY C 226 -12.49 -19.72 -1.42
C GLY C 226 -13.00 -21.09 -1.88
N CYS C 227 -13.32 -21.22 -3.16
CA CYS C 227 -13.81 -22.53 -3.69
C CYS C 227 -12.70 -23.56 -3.55
N ILE C 228 -11.48 -23.19 -3.93
CA ILE C 228 -10.34 -24.14 -3.93
C ILE C 228 -10.13 -24.65 -2.50
N HIS C 229 -10.17 -23.76 -1.51
CA HIS C 229 -9.91 -24.12 -0.08
CA HIS C 229 -9.91 -24.12 -0.08
C HIS C 229 -11.00 -25.06 0.42
N ARG C 230 -12.27 -24.76 0.13
CA ARG C 230 -13.42 -25.59 0.57
C ARG C 230 -13.26 -26.98 -0.06
N ALA C 231 -12.99 -27.06 -1.36
CA ALA C 231 -12.91 -28.36 -2.06
C ALA C 231 -11.65 -29.13 -1.63
N ALA C 232 -10.53 -28.46 -1.34
CA ALA C 232 -9.27 -29.17 -1.01
C ALA C 232 -9.34 -29.69 0.43
N GLY C 233 -10.13 -29.02 1.27
CA GLY C 233 -10.20 -29.35 2.72
C GLY C 233 -9.11 -28.63 3.54
N PRO C 234 -9.13 -28.86 4.88
CA PRO C 234 -8.30 -28.10 5.83
C PRO C 234 -6.79 -28.32 5.73
N CYS C 235 -6.32 -29.44 5.15
CA CYS C 235 -4.86 -29.65 4.91
C CYS C 235 -4.29 -28.58 3.98
N LEU C 236 -5.06 -28.03 3.04
CA LEU C 236 -4.55 -26.98 2.13
C LEU C 236 -4.21 -25.72 2.93
N LEU C 237 -5.09 -25.28 3.83
CA LEU C 237 -4.80 -24.13 4.74
C LEU C 237 -3.53 -24.42 5.58
N ALA C 238 -3.42 -25.63 6.12
CA ALA C 238 -2.28 -26.03 6.98
C ALA C 238 -0.99 -25.92 6.16
N GLU C 239 -0.92 -26.49 4.96
CA GLU C 239 0.33 -26.35 4.15
C GLU C 239 0.56 -24.87 3.80
N CYS C 240 -0.51 -24.13 3.47
CA CYS C 240 -0.43 -22.69 3.11
C CYS C 240 0.09 -21.86 4.29
N ARG C 241 -0.32 -22.18 5.53
CA ARG C 241 0.20 -21.47 6.73
C ARG C 241 1.72 -21.64 6.82
N ASN C 242 2.21 -22.85 6.59
CA ASN C 242 3.65 -23.16 6.63
C ASN C 242 4.43 -22.38 5.55
N LEU C 243 3.80 -21.93 4.46
CA LEU C 243 4.51 -21.19 3.36
C LEU C 243 4.75 -19.72 3.74
N ASN C 244 4.05 -19.21 4.75
CA ASN C 244 4.20 -17.82 5.24
C ASN C 244 4.03 -16.82 4.08
N GLY C 245 2.87 -16.84 3.43
CA GLY C 245 2.49 -15.80 2.46
C GLY C 245 3.17 -15.95 1.12
N CYS C 246 2.83 -15.06 0.19
CA CYS C 246 3.39 -15.07 -1.17
C CYS C 246 3.44 -13.60 -1.62
N ASP C 247 4.50 -13.21 -2.31
CA ASP C 247 4.62 -11.85 -2.88
C ASP C 247 3.83 -11.75 -4.21
N THR C 248 3.42 -10.52 -4.52
CA THR C 248 2.82 -10.13 -5.81
C THR C 248 3.75 -10.57 -6.94
N GLY C 249 3.20 -11.34 -7.88
CA GLY C 249 3.89 -11.76 -9.11
C GLY C 249 4.74 -12.99 -8.88
N HIS C 250 4.66 -13.57 -7.69
CA HIS C 250 5.38 -14.83 -7.33
C HIS C 250 4.34 -15.94 -7.18
N ALA C 251 4.79 -17.17 -6.98
CA ALA C 251 3.94 -18.37 -6.85
C ALA C 251 4.60 -19.37 -5.89
N LYS C 252 3.77 -20.18 -5.25
CA LYS C 252 4.19 -21.31 -4.38
C LYS C 252 3.28 -22.49 -4.67
N ILE C 253 3.83 -23.70 -4.57
CA ILE C 253 3.10 -24.95 -4.88
C ILE C 253 2.79 -25.69 -3.59
N THR C 254 1.57 -26.23 -3.51
CA THR C 254 1.14 -27.18 -2.44
C THR C 254 0.56 -28.43 -3.10
N CYS C 255 0.30 -29.44 -2.28
CA CYS C 255 -0.61 -30.56 -2.61
C CYS C 255 -2.03 -30.01 -2.82
N GLY C 256 -2.85 -30.71 -3.62
CA GLY C 256 -4.27 -30.36 -3.82
C GLY C 256 -5.20 -31.09 -2.84
N TYR C 257 -4.71 -32.06 -2.06
CA TYR C 257 -5.46 -32.79 -0.98
C TYR C 257 -6.75 -33.37 -1.57
N ASP C 258 -7.92 -32.93 -1.09
CA ASP C 258 -9.20 -33.53 -1.52
C ASP C 258 -9.53 -33.17 -2.97
N LEU C 259 -8.81 -32.23 -3.61
CA LEU C 259 -9.10 -31.89 -5.03
C LEU C 259 -8.71 -33.07 -5.90
N PRO C 260 -9.37 -33.31 -7.05
CA PRO C 260 -8.84 -34.22 -8.07
C PRO C 260 -7.44 -33.77 -8.51
N ALA C 261 -7.17 -32.45 -8.47
CA ALA C 261 -5.86 -31.93 -8.90
C ALA C 261 -4.76 -32.41 -7.95
N LYS C 262 -3.61 -32.80 -8.49
CA LYS C 262 -2.49 -33.32 -7.68
C LYS C 262 -1.94 -32.19 -6.81
N TYR C 263 -1.74 -31.02 -7.44
CA TYR C 263 -1.15 -29.80 -6.85
C TYR C 263 -2.06 -28.59 -7.07
N VAL C 264 -1.90 -27.63 -6.17
CA VAL C 264 -2.39 -26.24 -6.38
C VAL C 264 -1.15 -25.33 -6.47
N ILE C 265 -1.06 -24.53 -7.53
CA ILE C 265 -0.02 -23.46 -7.63
C ILE C 265 -0.70 -22.15 -7.27
N HIS C 266 -0.33 -21.58 -6.13
CA HIS C 266 -0.89 -20.32 -5.60
C HIS C 266 -0.05 -19.17 -6.11
N THR C 267 -0.67 -18.18 -6.75
CA THR C 267 0.03 -16.98 -7.26
C THR C 267 -0.79 -15.77 -6.84
N VAL C 268 -0.12 -14.65 -6.61
CA VAL C 268 -0.74 -13.41 -6.08
C VAL C 268 -0.71 -12.41 -7.22
N GLY C 269 -1.87 -12.10 -7.77
CA GLY C 269 -1.94 -11.14 -8.88
C GLY C 269 -1.78 -9.70 -8.36
N PRO C 270 -1.35 -8.78 -9.24
CA PRO C 270 -1.35 -7.37 -8.91
C PRO C 270 -2.78 -6.88 -8.64
N ILE C 271 -2.86 -5.84 -7.82
CA ILE C 271 -4.11 -5.12 -7.49
C ILE C 271 -4.04 -3.75 -8.17
N ALA C 272 -4.98 -3.51 -9.07
CA ALA C 272 -5.14 -2.23 -9.79
C ALA C 272 -6.37 -1.52 -9.24
N ARG C 273 -6.16 -0.56 -8.35
CA ARG C 273 -7.28 0.21 -7.76
C ARG C 273 -7.62 1.38 -8.69
N GLY C 274 -6.68 1.83 -9.49
CA GLY C 274 -6.94 2.78 -10.60
C GLY C 274 -6.59 2.10 -11.92
N HIS C 275 -6.19 2.86 -12.93
CA HIS C 275 -5.83 2.30 -14.26
C HIS C 275 -4.60 1.42 -14.14
N ILE C 276 -4.56 0.28 -14.81
CA ILE C 276 -3.34 -0.56 -14.79
C ILE C 276 -2.16 0.29 -15.26
N ASN C 277 -0.99 0.01 -14.70
CA ASN C 277 0.28 0.72 -14.98
C ASN C 277 1.33 -0.33 -15.33
N GLY C 278 2.56 0.10 -15.64
CA GLY C 278 3.64 -0.78 -16.11
C GLY C 278 3.95 -1.86 -15.09
N SER C 279 3.98 -1.48 -13.82
CA SER C 279 4.21 -2.40 -12.68
C SER C 279 3.13 -3.51 -12.67
N HIS C 280 1.85 -3.16 -12.78
CA HIS C 280 0.70 -4.11 -12.78
C HIS C 280 0.88 -5.10 -13.93
N LYS C 281 1.26 -4.61 -15.09
CA LYS C 281 1.38 -5.45 -16.32
C LYS C 281 2.54 -6.41 -16.11
N GLU C 282 3.66 -5.93 -15.62
CA GLU C 282 4.85 -6.76 -15.36
C GLU C 282 4.51 -7.83 -14.30
N ASP C 283 3.83 -7.46 -13.22
CA ASP C 283 3.47 -8.42 -12.13
C ASP C 283 2.52 -9.49 -12.65
N LEU C 284 1.50 -9.13 -13.44
CA LEU C 284 0.58 -10.14 -14.02
C LEU C 284 1.39 -11.17 -14.81
N ALA C 285 2.25 -10.71 -15.71
CA ALA C 285 3.09 -11.61 -16.53
C ALA C 285 3.91 -12.49 -15.60
N ASN C 286 4.47 -11.92 -14.54
CA ASN C 286 5.30 -12.63 -13.52
C ASN C 286 4.46 -13.72 -12.82
N CYS C 287 3.15 -13.51 -12.59
CA CYS C 287 2.27 -14.57 -12.01
C CYS C 287 2.27 -15.77 -12.95
N TYR C 288 2.09 -15.55 -14.27
CA TYR C 288 2.06 -16.63 -15.30
C TYR C 288 3.46 -17.29 -15.37
N LYS C 289 4.52 -16.50 -15.42
CA LYS C 289 5.91 -17.04 -15.55
C LYS C 289 6.29 -17.83 -14.30
N SER C 290 6.02 -17.33 -13.11
CA SER C 290 6.44 -18.03 -11.86
C SER C 290 5.60 -19.31 -11.70
N SER C 291 4.33 -19.27 -12.12
CA SER C 291 3.47 -20.48 -12.07
C SER C 291 4.05 -21.54 -13.02
N LEU C 292 4.35 -21.15 -14.25
CA LEU C 292 4.86 -22.08 -15.29
C LEU C 292 6.27 -22.58 -14.91
N LYS C 293 7.07 -21.80 -14.18
CA LYS C 293 8.37 -22.28 -13.66
C LYS C 293 8.14 -23.43 -12.68
N LEU C 294 7.11 -23.35 -11.82
CA LEU C 294 6.80 -24.45 -10.88
C LEU C 294 6.26 -25.66 -11.67
N VAL C 295 5.53 -25.41 -12.76
CA VAL C 295 4.97 -26.49 -13.65
C VAL C 295 6.15 -27.32 -14.17
N LYS C 296 7.17 -26.63 -14.68
CA LYS C 296 8.38 -27.29 -15.26
C LYS C 296 9.12 -28.04 -14.14
N GLU C 297 9.33 -27.41 -12.98
CA GLU C 297 10.18 -27.98 -11.90
C GLU C 297 9.50 -29.18 -11.24
N ASN C 298 8.19 -29.34 -11.35
CA ASN C 298 7.44 -30.42 -10.65
C ASN C 298 6.87 -31.43 -11.65
N ASN C 299 7.37 -31.42 -12.89
CA ASN C 299 6.95 -32.39 -13.94
C ASN C 299 5.42 -32.42 -14.06
N ILE C 300 4.79 -31.25 -14.06
CA ILE C 300 3.32 -31.09 -14.20
C ILE C 300 3.01 -31.08 -15.71
N ARG C 301 2.13 -31.96 -16.19
CA ARG C 301 1.91 -32.15 -17.64
C ARG C 301 0.57 -31.55 -18.04
N SER C 302 -0.29 -31.24 -17.06
CA SER C 302 -1.58 -30.55 -17.29
C SER C 302 -1.77 -29.47 -16.23
N VAL C 303 -2.07 -28.22 -16.62
CA VAL C 303 -2.21 -27.11 -15.63
C VAL C 303 -3.40 -26.26 -16.05
N ALA C 304 -4.26 -25.88 -15.11
CA ALA C 304 -5.41 -25.01 -15.41
C ALA C 304 -5.17 -23.65 -14.77
N PHE C 305 -5.37 -22.56 -15.54
CA PHE C 305 -5.24 -21.16 -15.07
C PHE C 305 -6.60 -20.47 -15.03
N PRO C 306 -6.87 -19.68 -13.96
CA PRO C 306 -8.03 -18.79 -13.91
C PRO C 306 -7.57 -17.46 -14.47
N CYS C 307 -8.50 -16.50 -14.53
CA CYS C 307 -8.30 -15.12 -15.06
C CYS C 307 -7.71 -14.19 -13.97
N ILE C 308 -6.48 -14.41 -13.56
CA ILE C 308 -5.76 -13.73 -12.44
C ILE C 308 -5.92 -12.19 -12.53
N SER C 309 -6.32 -11.57 -11.43
CA SER C 309 -6.35 -10.10 -11.19
C SER C 309 -7.58 -9.44 -11.84
N THR C 310 -8.44 -10.19 -12.54
CA THR C 310 -9.73 -9.65 -13.01
C THR C 310 -10.72 -9.57 -11.86
N GLY C 311 -11.85 -8.89 -12.03
CA GLY C 311 -12.83 -8.80 -10.92
C GLY C 311 -12.36 -7.85 -9.84
N ILE C 312 -12.31 -8.26 -8.56
CA ILE C 312 -12.07 -7.26 -7.47
C ILE C 312 -10.64 -6.69 -7.60
N TYR C 313 -9.67 -7.42 -8.17
CA TYR C 313 -8.27 -6.92 -8.28
C TYR C 313 -8.17 -5.87 -9.40
N GLY C 314 -9.20 -5.70 -10.24
CA GLY C 314 -9.40 -4.52 -11.10
C GLY C 314 -8.63 -4.57 -12.42
N PHE C 315 -7.96 -5.67 -12.75
CA PHE C 315 -7.25 -5.75 -14.05
C PHE C 315 -8.33 -5.93 -15.13
N PRO C 316 -8.43 -5.02 -16.12
CA PRO C 316 -9.43 -5.11 -17.18
C PRO C 316 -9.28 -6.43 -17.97
N ASN C 317 -10.41 -7.08 -18.24
CA ASN C 317 -10.51 -8.51 -18.66
C ASN C 317 -9.74 -8.73 -19.97
N GLU C 318 -9.82 -7.80 -20.91
CA GLU C 318 -9.23 -7.97 -22.25
C GLU C 318 -7.70 -7.87 -22.17
N PRO C 319 -7.07 -6.80 -21.61
CA PRO C 319 -5.62 -6.77 -21.47
C PRO C 319 -5.03 -7.88 -20.59
N ALA C 320 -5.78 -8.35 -19.60
CA ALA C 320 -5.39 -9.51 -18.75
C ALA C 320 -5.21 -10.75 -19.65
N ALA C 321 -6.22 -11.05 -20.47
CA ALA C 321 -6.20 -12.19 -21.42
C ALA C 321 -4.97 -12.10 -22.33
N VAL C 322 -4.65 -10.90 -22.82
CA VAL C 322 -3.53 -10.72 -23.78
C VAL C 322 -2.25 -11.16 -23.09
N ILE C 323 -2.08 -10.76 -21.82
CA ILE C 323 -0.82 -11.03 -21.08
C ILE C 323 -0.74 -12.53 -20.80
N ALA C 324 -1.85 -13.13 -20.40
CA ALA C 324 -1.91 -14.58 -20.08
C ALA C 324 -1.55 -15.37 -21.34
N LEU C 325 -2.17 -15.05 -22.47
CA LEU C 325 -1.99 -15.80 -23.75
C LEU C 325 -0.54 -15.63 -24.22
N ASN C 326 -0.04 -14.39 -24.25
CA ASN C 326 1.34 -14.08 -24.66
C ASN C 326 2.31 -14.87 -23.81
N THR C 327 2.14 -14.84 -22.48
CA THR C 327 3.11 -15.48 -21.58
C THR C 327 3.06 -16.99 -21.79
N ILE C 328 1.86 -17.56 -21.90
CA ILE C 328 1.77 -19.04 -22.08
C ILE C 328 2.36 -19.39 -23.47
N LYS C 329 2.08 -18.61 -24.52
CA LYS C 329 2.56 -18.95 -25.89
C LYS C 329 4.09 -18.94 -25.92
N GLU C 330 4.73 -17.92 -25.35
CA GLU C 330 6.22 -17.85 -25.30
C GLU C 330 6.75 -19.04 -24.52
N TRP C 331 6.11 -19.40 -23.40
CA TRP C 331 6.64 -20.53 -22.56
C TRP C 331 6.49 -21.84 -23.33
N LEU C 332 5.39 -21.98 -24.07
CA LEU C 332 5.05 -23.19 -24.87
C LEU C 332 6.07 -23.35 -26.01
N ALA C 333 6.51 -22.25 -26.61
CA ALA C 333 7.53 -22.22 -27.68
C ALA C 333 8.75 -23.03 -27.22
N LYS C 334 9.17 -22.85 -25.97
CA LYS C 334 10.40 -23.49 -25.43
C LYS C 334 10.10 -24.80 -24.67
N ASN C 335 8.84 -25.13 -24.35
CA ASN C 335 8.54 -26.20 -23.36
C ASN C 335 7.42 -27.14 -23.81
N HIS C 336 6.90 -27.00 -25.04
CA HIS C 336 5.72 -27.75 -25.54
C HIS C 336 5.87 -29.25 -25.25
N HIS C 337 7.08 -29.82 -25.32
CA HIS C 337 7.33 -31.27 -25.07
C HIS C 337 7.04 -31.65 -23.63
N GLU C 338 7.14 -30.70 -22.69
CA GLU C 338 7.04 -30.95 -21.22
C GLU C 338 5.58 -30.98 -20.74
N VAL C 339 4.61 -30.63 -21.58
CA VAL C 339 3.19 -30.57 -21.14
C VAL C 339 2.33 -31.28 -22.17
N ASP C 340 1.22 -31.85 -21.68
CA ASP C 340 0.11 -32.35 -22.51
C ASP C 340 -0.90 -31.24 -22.71
N ARG C 341 -1.18 -30.41 -21.70
CA ARG C 341 -2.30 -29.44 -21.84
C ARG C 341 -2.16 -28.29 -20.84
N ILE C 342 -2.33 -27.07 -21.36
CA ILE C 342 -2.56 -25.85 -20.54
C ILE C 342 -4.01 -25.47 -20.80
N ILE C 343 -4.80 -25.37 -19.73
CA ILE C 343 -6.25 -25.06 -19.80
C ILE C 343 -6.44 -23.67 -19.22
N PHE C 344 -7.08 -22.79 -19.99
CA PHE C 344 -7.60 -21.49 -19.54
C PHE C 344 -9.01 -21.77 -19.05
N CYS C 345 -9.17 -21.72 -17.73
CA CYS C 345 -10.42 -22.07 -17.04
C CYS C 345 -11.15 -20.77 -16.77
N VAL C 346 -12.10 -20.40 -17.64
CA VAL C 346 -12.94 -19.18 -17.47
C VAL C 346 -14.25 -19.59 -16.77
N PHE C 347 -15.04 -18.60 -16.37
CA PHE C 347 -16.38 -18.80 -15.75
C PHE C 347 -17.36 -17.82 -16.37
N LEU C 348 -17.03 -16.53 -16.33
CA LEU C 348 -17.90 -15.46 -16.88
C LEU C 348 -17.88 -15.53 -18.41
N GLU C 349 -19.01 -15.17 -19.04
CA GLU C 349 -19.17 -15.04 -20.51
C GLU C 349 -18.19 -13.97 -21.01
N VAL C 350 -17.91 -12.92 -20.22
CA VAL C 350 -17.02 -11.83 -20.71
C VAL C 350 -15.68 -12.48 -21.07
N ASP C 351 -15.15 -13.31 -20.18
CA ASP C 351 -13.80 -13.93 -20.29
C ASP C 351 -13.85 -15.01 -21.37
N PHE C 352 -14.92 -15.82 -21.36
CA PHE C 352 -15.14 -16.87 -22.37
C PHE C 352 -15.02 -16.24 -23.76
N LYS C 353 -15.82 -15.20 -24.04
CA LYS C 353 -15.85 -14.57 -25.39
C LYS C 353 -14.46 -13.99 -25.72
N ILE C 354 -13.81 -13.31 -24.75
CA ILE C 354 -12.49 -12.68 -24.96
C ILE C 354 -11.49 -13.76 -25.37
N TYR C 355 -11.35 -14.83 -24.56
CA TYR C 355 -10.39 -15.93 -24.83
C TYR C 355 -10.78 -16.65 -26.13
N LYS C 356 -12.08 -16.89 -26.38
CA LYS C 356 -12.54 -17.58 -27.61
C LYS C 356 -11.97 -16.85 -28.82
N LYS C 357 -12.15 -15.52 -28.89
CA LYS C 357 -11.70 -14.67 -30.04
C LYS C 357 -10.17 -14.71 -30.21
N LYS C 358 -9.40 -14.76 -29.12
CA LYS C 358 -7.92 -14.62 -29.18
C LYS C 358 -7.23 -15.96 -29.41
N MET C 359 -7.85 -17.08 -29.01
CA MET C 359 -7.21 -18.42 -29.00
C MET C 359 -6.64 -18.72 -30.40
N ASN C 360 -7.44 -18.46 -31.43
CA ASN C 360 -7.07 -18.76 -32.84
C ASN C 360 -5.79 -17.98 -33.18
N GLU C 361 -5.83 -16.67 -32.89
CA GLU C 361 -4.78 -15.65 -33.16
C GLU C 361 -3.44 -16.03 -32.50
N PHE C 362 -3.44 -16.61 -31.29
CA PHE C 362 -2.19 -16.98 -30.57
C PHE C 362 -1.75 -18.40 -30.96
N PHE C 363 -2.71 -19.30 -31.19
CA PHE C 363 -2.47 -20.74 -31.49
C PHE C 363 -3.31 -21.13 -32.70
N LYS D 131 -23.52 3.93 -13.47
CA LYS D 131 -22.70 3.53 -12.28
C LYS D 131 -22.70 4.68 -11.26
N LYS D 132 -22.94 4.37 -9.98
CA LYS D 132 -23.02 5.38 -8.88
C LYS D 132 -21.62 5.90 -8.57
N VAL D 133 -21.54 7.17 -8.20
CA VAL D 133 -20.30 7.84 -7.70
C VAL D 133 -20.33 7.70 -6.19
N TRP D 134 -19.39 6.96 -5.59
CA TRP D 134 -19.50 6.63 -4.14
C TRP D 134 -19.60 7.91 -3.31
N ARG D 135 -18.83 8.96 -3.63
CA ARG D 135 -18.85 10.21 -2.80
C ARG D 135 -20.26 10.81 -2.79
N GLU D 136 -20.97 10.81 -3.94
CA GLU D 136 -22.33 11.41 -4.07
C GLU D 136 -23.31 10.54 -3.24
N GLU D 137 -23.20 9.23 -3.39
CA GLU D 137 -24.10 8.26 -2.69
C GLU D 137 -23.88 8.42 -1.18
N LYS D 138 -22.61 8.46 -0.76
CA LYS D 138 -22.24 8.67 0.65
C LYS D 138 -22.90 9.94 1.17
N GLU D 139 -22.77 11.05 0.45
CA GLU D 139 -23.28 12.37 0.94
C GLU D 139 -24.80 12.31 1.04
N ARG D 140 -25.45 11.76 0.00
CA ARG D 140 -26.92 11.51 -0.02
C ARG D 140 -27.32 10.70 1.23
N LEU D 141 -26.67 9.56 1.53
CA LEU D 141 -27.15 8.65 2.60
C LEU D 141 -26.93 9.26 3.98
N LEU D 142 -25.82 9.98 4.20
CA LEU D 142 -25.43 10.39 5.59
C LEU D 142 -26.29 11.57 6.07
N LYS D 143 -27.02 12.26 5.18
CA LYS D 143 -28.00 13.34 5.49
C LYS D 143 -29.36 12.77 5.95
N MET D 144 -29.66 11.52 5.58
CA MET D 144 -30.99 10.86 5.77
C MET D 144 -31.20 10.38 7.21
N THR D 145 -32.43 10.55 7.71
CA THR D 145 -32.92 10.02 9.01
C THR D 145 -33.22 8.52 8.88
N LEU D 146 -33.49 7.86 10.00
CA LEU D 146 -33.75 6.40 10.04
C LEU D 146 -34.97 6.06 9.17
N GLU D 147 -36.05 6.83 9.29
CA GLU D 147 -37.32 6.59 8.54
C GLU D 147 -37.02 6.72 7.04
N GLU D 148 -36.28 7.75 6.62
CA GLU D 148 -35.98 8.01 5.19
C GLU D 148 -35.10 6.87 4.66
N ARG D 149 -34.16 6.39 5.48
N ARG D 149 -34.18 6.37 5.48
CA ARG D 149 -33.23 5.29 5.13
CA ARG D 149 -33.23 5.29 5.09
C ARG D 149 -34.05 4.00 4.94
C ARG D 149 -34.01 3.98 4.97
N ARG D 150 -34.88 3.68 5.94
CA ARG D 150 -35.72 2.45 5.97
C ARG D 150 -36.51 2.32 4.67
N LYS D 151 -37.06 3.43 4.13
CA LYS D 151 -37.86 3.41 2.88
C LYS D 151 -37.07 2.82 1.70
N GLU D 152 -35.73 2.88 1.74
CA GLU D 152 -34.87 2.47 0.60
C GLU D 152 -34.22 1.10 0.79
N TYR D 153 -34.34 0.47 1.97
CA TYR D 153 -33.57 -0.78 2.27
C TYR D 153 -33.93 -1.84 1.23
N LEU D 154 -32.96 -2.63 0.80
CA LEU D 154 -33.19 -3.65 -0.25
C LEU D 154 -33.65 -4.97 0.41
N ARG D 155 -33.24 -5.18 1.65
CA ARG D 155 -33.59 -6.40 2.43
CA ARG D 155 -33.48 -6.40 2.47
C ARG D 155 -34.08 -5.93 3.80
N ASP D 156 -34.67 -6.84 4.55
CA ASP D 156 -35.20 -6.54 5.91
C ASP D 156 -34.01 -6.45 6.88
N TYR D 157 -34.23 -5.86 8.03
CA TYR D 157 -33.20 -5.42 8.99
C TYR D 157 -33.64 -5.83 10.40
N ILE D 158 -32.73 -5.75 11.36
CA ILE D 158 -33.01 -5.93 12.81
C ILE D 158 -32.75 -4.60 13.51
N PRO D 159 -33.80 -3.96 14.07
CA PRO D 159 -33.66 -2.71 14.81
C PRO D 159 -32.99 -3.01 16.13
N LEU D 160 -32.25 -2.03 16.67
CA LEU D 160 -31.51 -2.19 17.93
C LEU D 160 -32.47 -2.63 19.06
N ASN D 161 -33.69 -2.10 19.08
CA ASN D 161 -34.78 -2.48 20.02
C ASN D 161 -35.01 -3.99 20.12
N SER D 162 -34.81 -4.74 19.03
CA SER D 162 -35.04 -6.21 18.96
C SER D 162 -33.84 -6.98 19.52
N ILE D 163 -32.74 -6.30 19.87
CA ILE D 163 -31.56 -6.93 20.52
C ILE D 163 -31.64 -6.49 21.97
N LEU D 164 -31.74 -7.48 22.86
CA LEU D 164 -31.70 -7.32 24.33
C LEU D 164 -30.29 -6.84 24.73
N SER D 165 -30.23 -5.78 25.54
CA SER D 165 -29.08 -5.49 26.44
C SER D 165 -28.73 -6.77 27.22
N TRP D 166 -27.50 -6.88 27.70
CA TRP D 166 -27.07 -8.05 28.51
C TRP D 166 -27.83 -8.04 29.84
N LYS D 167 -28.17 -6.86 30.36
CA LYS D 167 -29.03 -6.68 31.55
C LYS D 167 -30.34 -7.42 31.31
N GLU D 168 -31.10 -6.99 30.30
CA GLU D 168 -32.39 -7.62 29.88
C GLU D 168 -32.20 -9.13 29.72
N GLU D 169 -31.11 -9.57 29.10
CA GLU D 169 -30.80 -11.02 28.92
C GLU D 169 -30.75 -11.70 30.29
N MET D 170 -30.07 -11.09 31.27
CA MET D 170 -29.85 -11.70 32.61
C MET D 170 -31.17 -11.79 33.39
N LYS D 171 -31.89 -10.67 33.51
CA LYS D 171 -33.21 -10.57 34.21
C LYS D 171 -33.90 -11.95 34.21
N SER D 190 -24.71 0.91 35.34
CA SER D 190 -24.25 -0.46 34.98
C SER D 190 -23.96 -0.56 33.47
N LEU D 191 -22.79 -1.12 33.12
CA LEU D 191 -22.33 -1.30 31.72
C LEU D 191 -23.15 -2.39 31.03
N THR D 192 -23.69 -3.36 31.78
CA THR D 192 -24.53 -4.48 31.26
C THR D 192 -25.69 -3.94 30.42
N GLU D 193 -26.11 -2.69 30.58
CA GLU D 193 -27.23 -2.17 29.75
C GLU D 193 -26.68 -1.60 28.43
N LYS D 194 -25.36 -1.45 28.28
CA LYS D 194 -24.73 -0.82 27.08
C LYS D 194 -24.04 -1.87 26.20
N VAL D 195 -24.12 -3.16 26.56
CA VAL D 195 -23.53 -4.28 25.78
C VAL D 195 -24.63 -5.27 25.44
N SER D 196 -24.48 -5.99 24.31
CA SER D 196 -25.35 -7.11 23.90
C SER D 196 -24.51 -8.20 23.25
N LEU D 197 -25.06 -9.39 23.22
CA LEU D 197 -24.49 -10.55 22.55
C LEU D 197 -25.49 -10.94 21.45
N TYR D 198 -25.03 -10.98 20.20
CA TYR D 198 -25.89 -11.21 19.00
C TYR D 198 -25.29 -12.40 18.27
N ARG D 199 -26.12 -13.42 18.07
CA ARG D 199 -25.74 -14.64 17.36
C ARG D 199 -26.49 -14.59 16.04
N GLY D 200 -25.82 -14.33 14.94
CA GLY D 200 -26.50 -14.10 13.64
C GLY D 200 -25.68 -13.26 12.69
N ASP D 201 -26.33 -12.72 11.66
CA ASP D 201 -25.70 -12.05 10.49
C ASP D 201 -25.54 -10.56 10.81
N ILE D 202 -24.29 -10.10 10.98
CA ILE D 202 -23.98 -8.67 11.28
C ILE D 202 -24.61 -7.73 10.24
N THR D 203 -24.76 -8.16 8.99
CA THR D 203 -25.23 -7.24 7.94
C THR D 203 -26.70 -6.83 8.13
N LEU D 204 -27.47 -7.53 8.96
CA LEU D 204 -28.90 -7.21 9.22
C LEU D 204 -29.04 -6.08 10.25
N LEU D 205 -27.99 -5.81 11.06
CA LEU D 205 -28.10 -4.88 12.21
C LEU D 205 -28.26 -3.44 11.75
N GLU D 206 -29.34 -2.80 12.18
CA GLU D 206 -29.58 -1.37 11.96
C GLU D 206 -28.93 -0.62 13.13
N VAL D 207 -27.63 -0.38 12.99
CA VAL D 207 -26.76 0.29 13.99
C VAL D 207 -25.97 1.38 13.27
N ASP D 208 -25.27 2.23 14.03
CA ASP D 208 -24.51 3.37 13.45
C ASP D 208 -23.31 2.77 12.70
N ALA D 209 -22.70 1.71 13.22
CA ALA D 209 -21.57 1.08 12.53
C ALA D 209 -21.50 -0.42 12.78
N ILE D 210 -21.09 -1.14 11.77
CA ILE D 210 -20.58 -2.53 11.93
C ILE D 210 -19.08 -2.53 11.63
N VAL D 211 -18.36 -3.42 12.32
CA VAL D 211 -16.91 -3.62 12.15
C VAL D 211 -16.70 -4.84 11.25
N ASN D 212 -15.98 -4.60 10.15
CA ASN D 212 -15.57 -5.62 9.19
C ASN D 212 -14.18 -6.10 9.60
N ALA D 213 -14.04 -7.35 9.94
CA ALA D 213 -12.73 -8.01 10.07
C ALA D 213 -12.18 -8.21 8.67
N ALA D 214 -11.54 -7.18 8.14
CA ALA D 214 -11.18 -7.06 6.71
C ALA D 214 -9.81 -7.67 6.44
N ASN D 215 -9.39 -7.75 5.19
CA ASN D 215 -8.00 -8.11 4.89
C ASN D 215 -7.23 -6.85 4.49
N ALA D 216 -5.92 -6.97 4.42
CA ALA D 216 -4.95 -5.89 4.22
C ALA D 216 -5.31 -5.10 2.95
N SER D 217 -5.97 -5.72 1.96
CA SER D 217 -6.26 -5.05 0.67
C SER D 217 -7.50 -4.16 0.81
N LEU D 218 -8.35 -4.40 1.82
CA LEU D 218 -9.72 -3.82 1.95
C LEU D 218 -10.65 -4.06 0.74
N LEU D 219 -10.38 -5.00 -0.14
CA LEU D 219 -11.21 -5.18 -1.37
C LEU D 219 -12.25 -6.27 -1.15
N GLY D 220 -12.36 -6.76 0.09
CA GLY D 220 -13.30 -7.83 0.43
C GLY D 220 -12.67 -9.19 0.26
N GLY D 221 -13.48 -10.22 0.08
CA GLY D 221 -12.93 -11.58 0.07
C GLY D 221 -13.99 -12.51 0.59
N GLY D 222 -13.61 -13.42 1.48
CA GLY D 222 -14.45 -14.54 1.90
C GLY D 222 -15.16 -14.22 3.20
N GLY D 223 -16.05 -15.11 3.62
CA GLY D 223 -16.72 -15.04 4.92
C GLY D 223 -17.57 -13.80 5.04
N VAL D 224 -17.58 -13.23 6.23
CA VAL D 224 -18.40 -12.07 6.62
C VAL D 224 -17.92 -10.83 5.84
N ASP D 225 -16.63 -10.67 5.59
CA ASP D 225 -16.11 -9.57 4.72
C ASP D 225 -16.86 -9.62 3.38
N GLY D 226 -16.90 -10.80 2.78
CA GLY D 226 -17.67 -11.06 1.56
C GLY D 226 -19.13 -10.72 1.74
N CYS D 227 -19.72 -11.07 2.89
CA CYS D 227 -21.17 -10.83 3.15
C CYS D 227 -21.43 -9.32 3.27
N ILE D 228 -20.55 -8.61 3.97
CA ILE D 228 -20.68 -7.13 4.13
C ILE D 228 -20.63 -6.46 2.74
N HIS D 229 -19.69 -6.85 1.89
CA HIS D 229 -19.53 -6.24 0.54
C HIS D 229 -20.78 -6.52 -0.31
N ARG D 230 -21.31 -7.76 -0.27
CA ARG D 230 -22.53 -8.12 -1.06
C ARG D 230 -23.72 -7.33 -0.53
N ALA D 231 -23.86 -7.19 0.79
CA ALA D 231 -25.01 -6.47 1.37
C ALA D 231 -24.91 -4.95 1.16
N ALA D 232 -23.70 -4.37 1.13
CA ALA D 232 -23.52 -2.91 1.03
C ALA D 232 -23.61 -2.48 -0.44
N GLY D 233 -23.28 -3.39 -1.37
CA GLY D 233 -23.27 -3.12 -2.81
C GLY D 233 -21.92 -2.53 -3.25
N PRO D 234 -21.74 -2.30 -4.58
CA PRO D 234 -20.44 -2.00 -5.17
C PRO D 234 -19.79 -0.66 -4.74
N CYS D 235 -20.56 0.30 -4.24
CA CYS D 235 -19.99 1.57 -3.72
C CYS D 235 -19.05 1.28 -2.54
N LEU D 236 -19.25 0.18 -1.80
CA LEU D 236 -18.37 -0.10 -0.64
C LEU D 236 -16.98 -0.40 -1.18
N LEU D 237 -16.91 -1.26 -2.19
CA LEU D 237 -15.63 -1.58 -2.86
C LEU D 237 -15.03 -0.30 -3.46
N ALA D 238 -15.85 0.56 -4.08
CA ALA D 238 -15.40 1.81 -4.75
C ALA D 238 -14.75 2.71 -3.70
N GLU D 239 -15.38 2.91 -2.54
CA GLU D 239 -14.76 3.74 -1.48
C GLU D 239 -13.49 3.05 -0.96
N CYS D 240 -13.52 1.75 -0.74
CA CYS D 240 -12.36 0.96 -0.21
C CYS D 240 -11.17 1.07 -1.17
N ARG D 241 -11.42 1.07 -2.46
CA ARG D 241 -10.31 1.17 -3.47
C ARG D 241 -9.54 2.48 -3.29
N ASN D 242 -10.20 3.58 -2.94
CA ASN D 242 -9.56 4.88 -2.67
C ASN D 242 -8.63 4.83 -1.44
N LEU D 243 -8.70 3.79 -0.60
CA LEU D 243 -7.95 3.73 0.69
C LEU D 243 -6.65 2.95 0.56
N ASN D 244 -6.42 2.27 -0.58
CA ASN D 244 -5.25 1.40 -0.83
C ASN D 244 -4.94 0.57 0.39
N GLY D 245 -5.93 -0.14 0.90
CA GLY D 245 -5.70 -1.14 1.96
C GLY D 245 -5.65 -0.52 3.35
N CYS D 246 -5.23 -1.32 4.30
CA CYS D 246 -5.21 -0.98 5.75
C CYS D 246 -4.15 -1.86 6.41
N ASP D 247 -3.30 -1.27 7.24
CA ASP D 247 -2.28 -2.05 7.97
C ASP D 247 -2.92 -2.83 9.13
N THR D 248 -2.30 -3.96 9.47
CA THR D 248 -2.61 -4.73 10.68
C THR D 248 -2.67 -3.78 11.89
N GLY D 249 -3.73 -3.88 12.69
CA GLY D 249 -3.84 -3.15 13.96
C GLY D 249 -4.35 -1.75 13.74
N HIS D 250 -4.86 -1.46 12.53
CA HIS D 250 -5.43 -0.15 12.21
C HIS D 250 -6.87 -0.36 11.72
N ALA D 251 -7.65 0.71 11.71
CA ALA D 251 -9.03 0.70 11.22
C ALA D 251 -9.25 1.92 10.34
N LYS D 252 -10.18 1.80 9.41
CA LYS D 252 -10.66 2.94 8.60
C LYS D 252 -12.18 2.87 8.48
N ILE D 253 -12.81 4.03 8.35
CA ILE D 253 -14.28 4.13 8.34
C ILE D 253 -14.77 4.55 6.96
N THR D 254 -15.75 3.83 6.44
CA THR D 254 -16.44 4.17 5.17
C THR D 254 -17.94 4.29 5.42
N CYS D 255 -18.63 4.77 4.43
CA CYS D 255 -20.11 4.69 4.38
C CYS D 255 -20.53 3.21 4.32
N GLY D 256 -21.72 2.87 4.82
CA GLY D 256 -22.28 1.50 4.76
C GLY D 256 -23.14 1.24 3.52
N TYR D 257 -23.45 2.29 2.75
CA TYR D 257 -24.19 2.18 1.44
C TYR D 257 -25.50 1.40 1.68
N ASP D 258 -25.72 0.31 0.97
CA ASP D 258 -27.03 -0.41 1.03
C ASP D 258 -27.25 -1.09 2.40
N LEU D 259 -26.22 -1.25 3.26
CA LEU D 259 -26.43 -1.77 4.64
C LEU D 259 -27.38 -0.85 5.42
N PRO D 260 -28.19 -1.41 6.36
CA PRO D 260 -28.86 -0.60 7.36
C PRO D 260 -27.86 0.19 8.22
N ALA D 261 -26.69 -0.40 8.51
CA ALA D 261 -25.57 0.29 9.22
C ALA D 261 -25.17 1.55 8.46
N LYS D 262 -24.98 2.64 9.17
CA LYS D 262 -24.64 3.96 8.57
C LYS D 262 -23.19 3.90 8.07
N TYR D 263 -22.31 3.28 8.86
CA TYR D 263 -20.88 3.18 8.55
C TYR D 263 -20.44 1.74 8.63
N VAL D 264 -19.36 1.45 7.93
CA VAL D 264 -18.53 0.24 8.15
C VAL D 264 -17.18 0.72 8.67
N ILE D 265 -16.73 0.15 9.78
CA ILE D 265 -15.32 0.28 10.22
C ILE D 265 -14.60 -1.00 9.82
N HIS D 266 -13.62 -0.88 8.92
CA HIS D 266 -12.81 -2.01 8.45
C HIS D 266 -11.54 -2.03 9.29
N THR D 267 -11.20 -3.18 9.82
CA THR D 267 -9.98 -3.31 10.64
C THR D 267 -9.29 -4.61 10.22
N VAL D 268 -7.97 -4.62 10.21
CA VAL D 268 -7.17 -5.77 9.75
C VAL D 268 -6.52 -6.40 10.98
N GLY D 269 -7.03 -7.55 11.37
CA GLY D 269 -6.52 -8.28 12.53
C GLY D 269 -5.18 -8.92 12.21
N PRO D 270 -4.35 -9.19 13.24
CA PRO D 270 -3.12 -9.96 13.00
C PRO D 270 -3.40 -11.39 12.53
N ILE D 271 -2.42 -11.96 11.86
CA ILE D 271 -2.40 -13.36 11.37
C ILE D 271 -1.39 -14.14 12.20
N ALA D 272 -1.79 -15.27 12.78
CA ALA D 272 -0.91 -16.20 13.50
C ALA D 272 -0.91 -17.51 12.74
N ARG D 273 0.21 -17.85 12.15
CA ARG D 273 0.36 -19.10 11.37
C ARG D 273 0.76 -20.23 12.32
N GLY D 274 1.36 -19.91 13.47
CA GLY D 274 1.67 -20.85 14.56
C GLY D 274 1.15 -20.32 15.88
N HIS D 275 1.92 -20.40 16.97
CA HIS D 275 1.49 -19.95 18.32
C HIS D 275 1.39 -18.43 18.32
N ILE D 276 0.44 -17.87 19.06
CA ILE D 276 0.38 -16.39 19.20
C ILE D 276 1.57 -15.99 20.08
N ASN D 277 2.07 -14.76 19.91
CA ASN D 277 3.13 -14.12 20.72
C ASN D 277 2.62 -12.74 21.12
N GLY D 278 3.43 -11.95 21.83
CA GLY D 278 3.05 -10.60 22.32
C GLY D 278 2.71 -9.64 21.19
N SER D 279 3.30 -9.78 20.03
CA SER D 279 3.10 -8.86 18.90
C SER D 279 1.66 -9.01 18.35
N HIS D 280 1.23 -10.25 18.16
CA HIS D 280 -0.17 -10.61 17.77
C HIS D 280 -1.13 -10.01 18.77
N LYS D 281 -0.87 -10.19 20.08
CA LYS D 281 -1.80 -9.73 21.14
C LYS D 281 -1.95 -8.22 21.07
N GLU D 282 -0.82 -7.51 20.95
CA GLU D 282 -0.81 -6.03 20.83
C GLU D 282 -1.59 -5.59 19.55
N ASP D 283 -1.30 -6.22 18.41
CA ASP D 283 -1.97 -5.89 17.12
C ASP D 283 -3.47 -6.16 17.25
N LEU D 284 -3.89 -7.24 17.92
CA LEU D 284 -5.36 -7.48 18.07
C LEU D 284 -5.94 -6.35 18.90
N ALA D 285 -5.31 -6.01 20.02
CA ALA D 285 -5.80 -4.92 20.88
C ALA D 285 -5.89 -3.64 20.07
N ASN D 286 -4.91 -3.36 19.20
CA ASN D 286 -4.89 -2.08 18.45
C ASN D 286 -6.02 -2.05 17.39
N CYS D 287 -6.42 -3.20 16.86
CA CYS D 287 -7.62 -3.23 15.96
C CYS D 287 -8.83 -2.69 16.73
N TYR D 288 -9.08 -3.21 17.94
CA TYR D 288 -10.22 -2.77 18.77
C TYR D 288 -10.06 -1.30 19.12
N LYS D 289 -8.86 -0.87 19.54
CA LYS D 289 -8.62 0.56 19.92
C LYS D 289 -8.82 1.48 18.72
N SER D 290 -8.29 1.15 17.53
CA SER D 290 -8.39 2.04 16.34
CA SER D 290 -8.39 2.08 16.37
C SER D 290 -9.85 2.14 15.90
N SER D 291 -10.57 1.03 15.95
CA SER D 291 -12.03 1.00 15.67
C SER D 291 -12.79 1.90 16.66
N LEU D 292 -12.52 1.77 17.96
CA LEU D 292 -13.26 2.57 18.97
C LEU D 292 -12.89 4.04 18.88
N LYS D 293 -11.65 4.35 18.52
CA LYS D 293 -11.31 5.77 18.21
C LYS D 293 -12.21 6.27 17.08
N LEU D 294 -12.44 5.48 16.03
CA LEU D 294 -13.35 5.97 14.93
C LEU D 294 -14.79 6.09 15.44
N VAL D 295 -15.21 5.20 16.32
CA VAL D 295 -16.58 5.25 16.95
C VAL D 295 -16.75 6.61 17.65
N LYS D 296 -15.78 6.98 18.47
CA LYS D 296 -15.82 8.27 19.21
C LYS D 296 -15.76 9.45 18.23
N GLU D 297 -14.84 9.45 17.28
CA GLU D 297 -14.71 10.65 16.41
C GLU D 297 -15.91 10.84 15.53
N ASN D 298 -16.67 9.79 15.19
CA ASN D 298 -17.79 9.91 14.21
C ASN D 298 -19.15 9.85 14.92
N ASN D 299 -19.19 9.97 16.26
CA ASN D 299 -20.46 10.06 17.05
C ASN D 299 -21.32 8.83 16.73
N ILE D 300 -20.70 7.67 16.76
CA ILE D 300 -21.37 6.37 16.56
C ILE D 300 -21.86 5.91 17.95
N ARG D 301 -23.16 5.73 18.10
CA ARG D 301 -23.80 5.40 19.41
C ARG D 301 -24.10 3.91 19.47
N SER D 302 -24.19 3.22 18.33
CA SER D 302 -24.30 1.75 18.30
C SER D 302 -23.25 1.19 17.33
N VAL D 303 -22.53 0.17 17.77
CA VAL D 303 -21.51 -0.50 16.94
C VAL D 303 -21.53 -1.99 17.23
N ALA D 304 -21.26 -2.81 16.21
CA ALA D 304 -21.17 -4.27 16.33
C ALA D 304 -19.77 -4.73 15.94
N PHE D 305 -19.17 -5.59 16.76
CA PHE D 305 -17.85 -6.21 16.53
C PHE D 305 -17.96 -7.69 16.23
N PRO D 306 -17.20 -8.19 15.22
CA PRO D 306 -17.01 -9.63 15.05
C PRO D 306 -15.84 -10.10 15.91
N CYS D 307 -15.56 -11.39 15.88
CA CYS D 307 -14.43 -12.05 16.59
C CYS D 307 -13.14 -11.92 15.78
N ILE D 308 -12.50 -10.76 15.84
CA ILE D 308 -11.37 -10.41 14.93
C ILE D 308 -10.25 -11.43 15.13
N SER D 309 -9.70 -11.92 14.01
CA SER D 309 -8.47 -12.74 13.88
C SER D 309 -8.71 -14.20 14.25
N THR D 310 -9.92 -14.57 14.68
CA THR D 310 -10.27 -16.01 14.96
C THR D 310 -10.58 -16.71 13.64
N GLY D 311 -10.55 -18.03 13.61
CA GLY D 311 -10.78 -18.78 12.37
C GLY D 311 -9.51 -18.83 11.56
N ILE D 312 -9.55 -18.43 10.29
CA ILE D 312 -8.42 -18.67 9.35
C ILE D 312 -7.21 -17.86 9.84
N TYR D 313 -7.41 -16.71 10.45
CA TYR D 313 -6.30 -15.82 10.89
C TYR D 313 -5.60 -16.41 12.12
N GLY D 314 -6.18 -17.44 12.75
CA GLY D 314 -5.39 -18.36 13.61
C GLY D 314 -5.31 -17.93 15.05
N PHE D 315 -6.00 -16.87 15.46
CA PHE D 315 -5.94 -16.41 16.86
C PHE D 315 -6.89 -17.30 17.66
N PRO D 316 -6.40 -18.04 18.68
CA PRO D 316 -7.26 -18.91 19.49
C PRO D 316 -8.42 -18.11 20.09
N ASN D 317 -9.61 -18.71 20.07
CA ASN D 317 -10.88 -18.02 20.38
C ASN D 317 -10.90 -17.41 21.77
N GLU D 318 -10.36 -18.09 22.79
CA GLU D 318 -10.51 -17.65 24.21
C GLU D 318 -9.61 -16.44 24.45
N PRO D 319 -8.27 -16.51 24.20
CA PRO D 319 -7.41 -15.34 24.33
C PRO D 319 -7.84 -14.14 23.47
N ALA D 320 -8.35 -14.39 22.26
CA ALA D 320 -8.90 -13.31 21.39
C ALA D 320 -10.01 -12.61 22.16
N ALA D 321 -10.96 -13.36 22.70
CA ALA D 321 -12.13 -12.76 23.40
C ALA D 321 -11.69 -11.91 24.60
N VAL D 322 -10.66 -12.34 25.33
CA VAL D 322 -10.11 -11.63 26.53
C VAL D 322 -9.62 -10.23 26.11
N ILE D 323 -8.82 -10.18 25.03
CA ILE D 323 -8.30 -8.89 24.51
C ILE D 323 -9.49 -8.03 24.08
N ALA D 324 -10.46 -8.62 23.37
CA ALA D 324 -11.62 -7.84 22.87
C ALA D 324 -12.38 -7.23 24.06
N LEU D 325 -12.72 -8.05 25.06
CA LEU D 325 -13.56 -7.60 26.21
C LEU D 325 -12.79 -6.58 27.06
N ASN D 326 -11.53 -6.89 27.37
CA ASN D 326 -10.65 -5.96 28.14
C ASN D 326 -10.66 -4.61 27.45
N THR D 327 -10.35 -4.61 26.13
CA THR D 327 -10.17 -3.36 25.36
C THR D 327 -11.49 -2.61 25.37
N ILE D 328 -12.60 -3.30 25.08
CA ILE D 328 -13.91 -2.58 25.06
C ILE D 328 -14.23 -2.09 26.48
N LYS D 329 -14.00 -2.91 27.50
CA LYS D 329 -14.33 -2.53 28.91
C LYS D 329 -13.65 -1.18 29.24
N GLU D 330 -12.33 -1.11 29.03
CA GLU D 330 -11.51 0.09 29.40
C GLU D 330 -12.05 1.30 28.64
N TRP D 331 -12.37 1.12 27.37
CA TRP D 331 -12.92 2.23 26.54
C TRP D 331 -14.29 2.64 27.10
N LEU D 332 -15.12 1.67 27.49
CA LEU D 332 -16.49 1.95 27.98
C LEU D 332 -16.42 2.76 29.29
N ALA D 333 -15.50 2.39 30.19
CA ALA D 333 -15.19 3.12 31.45
C ALA D 333 -15.16 4.62 31.15
N LYS D 334 -14.45 5.03 30.09
CA LYS D 334 -14.23 6.46 29.76
C LYS D 334 -15.37 6.99 28.91
N ASN D 335 -16.03 6.19 28.06
CA ASN D 335 -16.89 6.74 26.98
C ASN D 335 -18.35 6.30 27.12
N HIS D 336 -18.73 5.58 28.19
CA HIS D 336 -20.07 4.95 28.35
C HIS D 336 -21.19 5.95 28.02
N HIS D 337 -21.08 7.23 28.39
CA HIS D 337 -22.16 8.26 28.18
C HIS D 337 -22.44 8.53 26.69
N GLU D 338 -21.49 8.22 25.79
CA GLU D 338 -21.61 8.54 24.32
C GLU D 338 -22.03 7.30 23.52
N VAL D 339 -22.38 6.17 24.17
CA VAL D 339 -22.80 4.94 23.44
C VAL D 339 -24.09 4.39 24.02
N ASP D 340 -25.02 4.02 23.14
CA ASP D 340 -26.28 3.29 23.45
C ASP D 340 -25.99 1.80 23.45
N ARG D 341 -25.20 1.28 22.50
CA ARG D 341 -24.87 -0.18 22.56
C ARG D 341 -23.59 -0.54 21.79
N ILE D 342 -22.82 -1.45 22.37
CA ILE D 342 -21.71 -2.20 21.75
C ILE D 342 -22.17 -3.66 21.69
N ILE D 343 -22.23 -4.22 20.48
CA ILE D 343 -22.80 -5.57 20.20
C ILE D 343 -21.66 -6.48 19.83
N PHE D 344 -21.49 -7.57 20.55
CA PHE D 344 -20.53 -8.61 20.20
C PHE D 344 -21.27 -9.57 19.29
N CYS D 345 -20.93 -9.57 18.00
CA CYS D 345 -21.49 -10.49 16.99
CA CYS D 345 -21.51 -10.48 16.99
C CYS D 345 -20.69 -11.77 17.00
N VAL D 346 -21.31 -12.85 17.45
CA VAL D 346 -20.75 -14.21 17.30
C VAL D 346 -21.71 -14.97 16.37
N PHE D 347 -21.29 -16.14 15.99
CA PHE D 347 -22.14 -17.10 15.26
C PHE D 347 -21.74 -18.47 15.78
N LEU D 348 -20.43 -18.78 15.74
CA LEU D 348 -19.89 -20.10 16.13
C LEU D 348 -20.23 -20.34 17.60
N GLU D 349 -20.64 -21.55 17.95
CA GLU D 349 -21.06 -21.79 19.35
C GLU D 349 -19.84 -21.57 20.24
N VAL D 350 -18.67 -21.99 19.78
CA VAL D 350 -17.41 -21.87 20.56
C VAL D 350 -17.25 -20.44 21.05
N ASP D 351 -17.50 -19.43 20.19
CA ASP D 351 -17.39 -17.98 20.55
C ASP D 351 -18.62 -17.60 21.38
N PHE D 352 -19.81 -18.09 21.05
CA PHE D 352 -21.05 -17.81 21.83
C PHE D 352 -20.81 -18.24 23.30
N LYS D 353 -20.30 -19.45 23.51
CA LYS D 353 -20.09 -20.00 24.88
C LYS D 353 -19.04 -19.13 25.57
N ILE D 354 -17.93 -18.84 24.89
CA ILE D 354 -16.80 -18.03 25.47
C ILE D 354 -17.33 -16.67 25.88
N TYR D 355 -18.07 -15.98 25.02
CA TYR D 355 -18.58 -14.62 25.33
C TYR D 355 -19.66 -14.70 26.42
N LYS D 356 -20.57 -15.68 26.34
CA LYS D 356 -21.65 -15.87 27.37
C LYS D 356 -21.00 -15.91 28.75
N LYS D 357 -20.00 -16.77 28.95
CA LYS D 357 -19.26 -16.93 30.23
C LYS D 357 -18.69 -15.57 30.69
N LYS D 358 -17.84 -14.95 29.86
CA LYS D 358 -17.01 -13.78 30.24
C LYS D 358 -17.88 -12.53 30.36
N MET D 359 -19.05 -12.49 29.71
CA MET D 359 -19.92 -11.30 29.71
C MET D 359 -20.11 -10.77 31.15
N ASN D 360 -20.35 -11.66 32.13
CA ASN D 360 -20.59 -11.27 33.55
C ASN D 360 -19.28 -10.83 34.19
N GLU D 361 -18.24 -11.67 34.07
CA GLU D 361 -16.84 -11.43 34.55
C GLU D 361 -16.37 -9.99 34.22
N PHE D 362 -16.68 -9.46 33.02
CA PHE D 362 -16.15 -8.16 32.52
C PHE D 362 -17.13 -7.02 32.81
N PHE D 363 -18.44 -7.31 32.88
CA PHE D 363 -19.52 -6.30 33.06
C PHE D 363 -20.47 -6.78 34.17
O1 TLA E . -14.38 12.03 -0.06
O11 TLA E . -12.23 11.34 0.31
C1 TLA E . -13.48 11.40 0.61
C2 TLA E . -13.89 10.64 1.85
O2 TLA E . -15.32 10.63 2.16
C3 TLA E . -13.13 11.28 2.98
O3 TLA E . -13.53 12.67 3.05
C4 TLA E . -13.52 10.55 4.24
O4 TLA E . -13.24 9.33 4.35
O41 TLA E . -14.09 11.24 5.11
#